data_4AKX
#
_entry.id   4AKX
#
_cell.length_a   154.887
_cell.length_b   52.799
_cell.length_c   121.811
_cell.angle_alpha   90.00
_cell.angle_beta   127.18
_cell.angle_gamma   90.00
#
_symmetry.space_group_name_H-M   'C 1 2 1'
#
loop_
_entity.id
_entity.type
_entity.pdbx_description
1 polymer SPCU
2 polymer EXOU
3 water water
#
loop_
_entity_poly.entity_id
_entity_poly.type
_entity_poly.pdbx_seq_one_letter_code
_entity_poly.pdbx_strand_id
1 'polypeptide(L)'
;(MSE)IDTWLAQWGLRLPSSNDATLRLQPAEGPELV(MSE)ERLEGGWLFVVELGLVPSGLPLGVILQLLQVNSPFSSLA
PVKLAADDAGRLVLWAEARDGVDDVDALNRLHDRLREGHSRLVPLLEPTGELVPA
;
A
2 'polypeptide(L)'
;GSSLRQEPSGQGLGVALKSTPGILSGKLPESVSDVRFSSPQGQGESRTLTDSAGPRQITLRQFENGVTELQLSRPPLTSL
VLSGGGAKGAAYPGA(MSE)LALEEKG(MSE)LDGIRS(MSE)SGSSAGGITAALLASG(MSE)SPAAFKTLSDK(MSE)
DLISLLDSSNKKLKLFQHISSEIGASLKKGLGNKIGGFSELLLNVLPRIDSRAEPLERLLRDETRKAVLGQIATHPEVAR
QPTVAAIASRLQSGSGVTFGDLDRLSAYIPQIKTLNITGTA(MSE)FEGRPQLVVFNASHTPDLEVAQAAHISGSFPGVF
QKVSLSDQPYQAGVEWTEFQDGGV(MSE)INVPVPE(MSE)IDKNFDSGPLRRNDNLILEFEGEAGEVAPDRGTRGGALK
GWVVGVPALQARE(MSE)LQLEGLEELREQTVVVPLKSERGDFSG(MSE)LGGTLNFT(MSE)PDEIKAHLQERLQERVG
EHLEKRLQASERHTFASLDEALLALDDS(MSE)LTSVAQQNPEITDGAVAFRQKARDAFTELTVAIVSANGLAGRLKLDE
A(MSE)RSALQRLDALADTPERLAWLAAELNHADNVDHQQLLDA(MSE)RGQTVQSPVLAAALAEAQRRKVAVIAENIRK
EVIFPSLYRPGQPDSNVALLRRAEEQLRHATSPAEINQALNDIVDNYSARGFLRFGKPLSSTTVE(MSE)AKAWRNKEFT
;
B
#
# COMPACT_ATOMS: atom_id res chain seq x y z
N MSE A 1 8.31 -27.23 -24.27
N MSE A 1 11.06 -27.71 -24.68
CA MSE A 1 9.70 -27.75 -24.07
CA MSE A 1 10.22 -26.49 -24.55
C MSE A 1 10.22 -27.33 -22.72
C MSE A 1 10.46 -25.84 -23.21
O MSE A 1 11.10 -27.98 -22.15
O MSE A 1 11.34 -25.00 -23.08
CB MSE A 1 10.61 -27.29 -25.23
CB MSE A 1 8.75 -26.85 -24.76
CG MSE A 1 9.89 -27.46 -26.57
CG MSE A 1 8.52 -28.35 -24.60
SE MSE A 1 11.15 -28.09 -27.97
SE MSE A 1 7.49 -28.64 -22.95
CE MSE A 1 9.68 -28.76 -29.38
CE MSE A 1 6.41 -26.99 -23.09
N ILE A 2 9.67 -26.23 -22.20
CA ILE A 2 9.90 -25.83 -20.81
C ILE A 2 9.30 -26.84 -19.81
N ASP A 3 8.09 -27.30 -20.12
CA ASP A 3 7.36 -28.26 -19.32
C ASP A 3 8.08 -29.60 -19.23
N THR A 4 8.76 -30.00 -20.27
CA THR A 4 9.63 -31.17 -20.16
C THR A 4 10.98 -30.89 -19.49
N TRP A 5 11.41 -29.64 -19.48
CA TRP A 5 12.55 -29.25 -18.66
C TRP A 5 12.20 -29.34 -17.19
N LEU A 6 11.08 -28.74 -16.82
CA LEU A 6 10.50 -28.97 -15.51
C LEU A 6 10.35 -30.46 -15.18
N ALA A 7 9.70 -31.20 -16.07
CA ALA A 7 9.28 -32.58 -15.81
C ALA A 7 10.35 -33.39 -15.06
N GLN A 8 11.62 -33.12 -15.32
CA GLN A 8 12.70 -33.91 -14.75
C GLN A 8 12.89 -33.76 -13.23
N TRP A 9 12.06 -32.95 -12.59
CA TRP A 9 12.09 -32.84 -11.14
C TRP A 9 10.75 -33.20 -10.63
N GLY A 10 9.94 -33.75 -11.53
CA GLY A 10 8.60 -34.18 -11.19
C GLY A 10 7.70 -33.01 -10.90
N LEU A 11 8.17 -31.84 -11.30
CA LEU A 11 7.35 -30.65 -11.28
C LEU A 11 6.67 -30.49 -12.63
N ARG A 12 5.57 -29.77 -12.62
CA ARG A 12 4.81 -29.49 -13.83
C ARG A 12 4.41 -28.03 -13.83
N LEU A 13 4.48 -27.40 -15.00
CA LEU A 13 4.17 -25.99 -15.09
C LEU A 13 2.74 -25.79 -14.62
N PRO A 14 2.52 -24.98 -13.55
CA PRO A 14 1.22 -24.93 -12.85
C PRO A 14 0.14 -24.35 -13.71
N SER A 15 -1.06 -24.89 -13.63
CA SER A 15 -2.15 -24.33 -14.41
C SER A 15 -2.44 -22.89 -13.94
N SER A 16 -3.27 -22.18 -14.73
CA SER A 16 -3.56 -20.76 -14.48
C SER A 16 -2.28 -19.97 -14.23
N ASN A 17 -1.21 -20.43 -14.87
CA ASN A 17 0.09 -19.80 -14.74
C ASN A 17 0.03 -18.31 -15.07
N ASP A 18 0.57 -17.51 -14.16
CA ASP A 18 0.76 -16.07 -14.39
C ASP A 18 2.25 -15.70 -14.52
N ALA A 19 2.65 -14.58 -13.90
CA ALA A 19 3.88 -13.89 -14.29
C ALA A 19 5.21 -14.61 -13.95
N THR A 20 5.38 -14.91 -12.65
CA THR A 20 6.70 -15.24 -12.12
C THR A 20 6.66 -16.58 -11.41
N LEU A 21 7.43 -17.55 -11.87
CA LEU A 21 7.68 -18.75 -11.08
C LEU A 21 9.06 -18.71 -10.46
N ARG A 22 9.21 -19.42 -9.35
CA ARG A 22 10.42 -19.38 -8.61
C ARG A 22 10.78 -20.78 -8.23
N LEU A 23 11.97 -21.20 -8.62
CA LEU A 23 12.45 -22.53 -8.34
C LEU A 23 13.53 -22.40 -7.34
N GLN A 24 13.47 -23.18 -6.28
CA GLN A 24 14.55 -23.28 -5.31
C GLN A 24 15.11 -24.70 -5.28
N PRO A 25 16.33 -24.89 -5.83
CA PRO A 25 17.02 -26.17 -5.86
C PRO A 25 17.57 -26.49 -4.50
N ALA A 26 18.02 -27.73 -4.31
CA ALA A 26 18.44 -28.20 -2.99
C ALA A 26 19.74 -27.55 -2.52
N GLU A 27 20.63 -27.26 -3.45
CA GLU A 27 21.79 -26.41 -3.19
C GLU A 27 21.68 -25.20 -4.08
N GLY A 28 22.08 -24.04 -3.56
CA GLY A 28 22.42 -22.91 -4.43
C GLY A 28 21.26 -21.94 -4.66
N PRO A 29 21.46 -20.96 -5.56
CA PRO A 29 20.53 -19.85 -5.74
C PRO A 29 19.12 -20.25 -6.18
N GLU A 30 18.13 -19.49 -5.68
CA GLU A 30 16.79 -19.53 -6.22
C GLU A 30 16.80 -19.06 -7.68
N LEU A 31 15.98 -19.67 -8.53
CA LEU A 31 15.86 -19.26 -9.92
C LEU A 31 14.49 -18.62 -10.22
N VAL A 32 14.48 -17.34 -10.57
CA VAL A 32 13.27 -16.63 -10.88
C VAL A 32 13.08 -16.72 -12.39
N MSE A 33 11.91 -17.16 -12.81
CA MSE A 33 11.62 -17.15 -14.22
C MSE A 33 10.36 -16.42 -14.48
O MSE A 33 9.28 -16.93 -14.14
CB MSE A 33 11.40 -18.53 -14.76
CG MSE A 33 11.82 -19.62 -13.82
SE MSE A 33 10.97 -21.24 -14.56
CE MSE A 33 9.64 -21.53 -13.16
N GLU A 34 10.47 -15.24 -15.08
CA GLU A 34 9.32 -14.53 -15.62
C GLU A 34 8.88 -15.17 -16.92
N ARG A 35 7.77 -14.74 -17.47
CA ARG A 35 7.36 -15.22 -18.76
C ARG A 35 7.14 -14.06 -19.74
N LEU A 36 7.52 -14.28 -20.99
CA LEU A 36 7.62 -13.20 -21.98
C LEU A 36 6.66 -13.37 -23.13
N GLU A 37 7.02 -12.78 -24.27
CA GLU A 37 6.20 -12.86 -25.47
C GLU A 37 6.23 -14.29 -26.00
N GLY A 38 7.44 -14.80 -26.25
CA GLY A 38 7.60 -16.13 -26.78
C GLY A 38 8.85 -16.73 -26.20
N GLY A 39 8.89 -16.80 -24.87
CA GLY A 39 10.03 -17.30 -24.15
C GLY A 39 10.00 -16.95 -22.68
N TRP A 40 10.84 -17.61 -21.91
CA TRP A 40 10.97 -17.35 -20.48
C TRP A 40 12.28 -16.63 -20.20
N LEU A 41 12.34 -15.90 -19.10
CA LEU A 41 13.51 -15.17 -18.72
C LEU A 41 14.02 -15.76 -17.41
N PHE A 42 15.19 -16.43 -17.41
CA PHE A 42 15.76 -16.92 -16.14
C PHE A 42 16.66 -15.87 -15.59
N VAL A 43 16.66 -15.75 -14.25
CA VAL A 43 17.34 -14.67 -13.54
C VAL A 43 17.81 -15.19 -12.20
N VAL A 44 18.98 -14.73 -11.78
CA VAL A 44 19.49 -15.06 -10.46
C VAL A 44 19.95 -13.78 -9.77
N GLU A 45 19.65 -13.68 -8.50
CA GLU A 45 19.80 -12.47 -7.77
C GLU A 45 21.12 -12.55 -7.00
N LEU A 46 21.85 -11.44 -6.96
CA LEU A 46 23.09 -11.40 -6.22
C LEU A 46 23.14 -10.36 -5.11
N GLY A 47 22.00 -9.78 -4.73
CA GLY A 47 21.99 -8.62 -3.81
C GLY A 47 22.15 -7.23 -4.43
N LEU A 48 21.85 -6.20 -3.64
CA LEU A 48 22.01 -4.81 -4.07
C LEU A 48 23.49 -4.51 -4.27
N VAL A 49 23.79 -3.79 -5.35
CA VAL A 49 25.14 -3.35 -5.59
C VAL A 49 25.69 -2.64 -4.37
N PRO A 50 26.90 -3.03 -3.96
CA PRO A 50 27.49 -2.43 -2.77
C PRO A 50 28.11 -1.10 -3.12
N SER A 51 28.19 -0.24 -2.10
CA SER A 51 28.90 1.02 -2.15
C SER A 51 30.39 0.72 -2.01
N GLY A 52 31.23 1.59 -2.54
CA GLY A 52 32.68 1.46 -2.40
C GLY A 52 33.34 0.18 -2.94
N LEU A 53 32.91 -0.31 -4.09
CA LEU A 53 33.62 -1.42 -4.71
C LEU A 53 34.97 -0.93 -5.24
N PRO A 54 36.02 -1.76 -5.14
CA PRO A 54 37.28 -1.42 -5.80
C PRO A 54 37.18 -1.60 -7.28
N LEU A 55 38.03 -0.88 -8.00
CA LEU A 55 38.03 -0.92 -9.47
C LEU A 55 38.04 -2.35 -10.01
N GLY A 56 39.04 -3.15 -9.61
CA GLY A 56 39.23 -4.55 -10.06
C GLY A 56 37.97 -5.38 -9.99
N VAL A 57 37.21 -5.19 -8.92
CA VAL A 57 35.91 -5.86 -8.78
C VAL A 57 34.94 -5.33 -9.82
N ILE A 58 34.83 -4.01 -9.92
CA ILE A 58 34.00 -3.43 -10.99
C ILE A 58 34.34 -4.11 -12.31
N LEU A 59 35.65 -4.31 -12.55
CA LEU A 59 36.15 -4.77 -13.83
C LEU A 59 35.70 -6.18 -14.07
N GLN A 60 35.94 -7.02 -13.07
CA GLN A 60 35.52 -8.41 -13.13
C GLN A 60 34.00 -8.50 -13.36
N LEU A 61 33.24 -7.55 -12.82
CA LEU A 61 31.83 -7.49 -13.14
C LEU A 61 31.55 -7.20 -14.61
N LEU A 62 32.00 -6.06 -15.10
CA LEU A 62 31.89 -5.76 -16.52
C LEU A 62 32.41 -6.86 -17.43
N GLN A 63 33.50 -7.51 -17.04
CA GLN A 63 34.08 -8.53 -17.91
C GLN A 63 33.17 -9.75 -18.11
N VAL A 64 32.30 -10.06 -17.15
CA VAL A 64 31.23 -11.05 -17.36
C VAL A 64 30.41 -10.82 -18.65
N ASN A 65 30.46 -9.65 -19.26
CA ASN A 65 29.60 -9.42 -20.41
C ASN A 65 30.30 -9.44 -21.75
N SER A 66 31.55 -9.87 -21.77
CA SER A 66 32.24 -9.93 -23.04
C SER A 66 31.66 -11.07 -23.83
N PRO A 67 31.53 -10.89 -25.15
CA PRO A 67 30.79 -11.84 -25.95
C PRO A 67 31.51 -13.15 -25.89
N PHE A 68 32.71 -13.11 -25.31
CA PHE A 68 33.57 -14.28 -25.28
C PHE A 68 33.68 -14.93 -23.90
N SER A 69 33.01 -14.37 -22.91
CA SER A 69 33.08 -14.89 -21.56
C SER A 69 32.76 -16.38 -21.50
N SER A 70 33.27 -17.04 -20.48
CA SER A 70 32.94 -18.43 -20.26
C SER A 70 31.48 -18.65 -19.82
N LEU A 71 30.76 -17.55 -19.48
CA LEU A 71 29.36 -17.67 -19.02
C LEU A 71 28.33 -17.38 -20.08
N ALA A 72 28.77 -17.14 -21.32
CA ALA A 72 27.82 -16.72 -22.33
C ALA A 72 26.74 -17.80 -22.54
N PRO A 73 25.50 -17.39 -22.82
CA PRO A 73 25.05 -16.01 -23.01
C PRO A 73 24.52 -15.28 -21.78
N VAL A 74 24.75 -15.80 -20.57
CA VAL A 74 24.26 -15.16 -19.34
C VAL A 74 24.80 -13.73 -19.24
N LYS A 75 23.96 -12.78 -18.85
CA LYS A 75 24.38 -11.39 -18.67
C LYS A 75 24.28 -10.89 -17.25
N LEU A 76 25.12 -9.92 -16.93
CA LEU A 76 25.11 -9.31 -15.64
C LEU A 76 24.54 -7.91 -15.78
N ALA A 77 23.60 -7.54 -14.90
CA ALA A 77 22.97 -6.21 -14.95
C ALA A 77 22.49 -5.86 -13.60
N ALA A 78 21.88 -4.68 -13.49
CA ALA A 78 21.20 -4.32 -12.27
C ALA A 78 19.78 -3.97 -12.63
N ASP A 79 18.82 -4.33 -11.78
CA ASP A 79 17.45 -3.87 -12.09
C ASP A 79 17.28 -2.45 -11.62
N ASP A 80 16.09 -1.90 -11.80
CA ASP A 80 15.83 -0.51 -11.45
C ASP A 80 15.98 -0.20 -9.97
N ALA A 81 15.87 -1.23 -9.13
CA ALA A 81 16.07 -1.05 -7.72
C ALA A 81 17.55 -1.18 -7.34
N GLY A 82 18.40 -1.42 -8.32
CA GLY A 82 19.83 -1.44 -8.04
C GLY A 82 20.30 -2.81 -7.61
N ARG A 83 19.51 -3.83 -7.93
CA ARG A 83 19.79 -5.21 -7.53
C ARG A 83 20.54 -5.88 -8.62
N LEU A 84 21.68 -6.45 -8.25
CA LEU A 84 22.62 -7.06 -9.22
C LEU A 84 22.18 -8.46 -9.62
N VAL A 85 22.09 -8.68 -10.92
CA VAL A 85 21.30 -9.78 -11.44
C VAL A 85 22.06 -10.45 -12.56
N LEU A 86 21.98 -11.78 -12.61
CA LEU A 86 22.49 -12.49 -13.73
C LEU A 86 21.26 -12.98 -14.39
N TRP A 87 21.19 -12.91 -15.71
CA TRP A 87 20.01 -13.42 -16.38
C TRP A 87 20.33 -13.97 -17.70
N ALA A 88 19.43 -14.81 -18.22
CA ALA A 88 19.50 -15.31 -19.59
C ALA A 88 18.10 -15.37 -20.08
N GLU A 89 17.95 -15.66 -21.35
CA GLU A 89 16.68 -15.56 -22.01
C GLU A 89 16.47 -16.85 -22.78
N ALA A 90 15.52 -17.64 -22.34
CA ALA A 90 15.17 -18.87 -23.03
C ALA A 90 13.97 -18.66 -23.94
N ARG A 91 14.16 -18.88 -25.23
CA ARG A 91 13.07 -18.75 -26.20
C ARG A 91 12.37 -20.07 -26.39
N ASP A 92 11.06 -20.01 -26.65
CA ASP A 92 10.32 -21.15 -27.20
C ASP A 92 10.79 -21.37 -28.64
N GLY A 93 10.61 -22.59 -29.14
CA GLY A 93 11.23 -22.98 -30.38
C GLY A 93 12.70 -23.24 -30.13
N VAL A 94 13.53 -22.27 -30.45
CA VAL A 94 14.98 -22.43 -30.33
C VAL A 94 15.42 -23.42 -29.24
N ASP A 95 15.32 -23.03 -27.98
CA ASP A 95 15.95 -23.78 -26.89
C ASP A 95 15.22 -25.08 -26.57
N ASP A 96 15.88 -25.94 -25.78
CA ASP A 96 15.29 -27.20 -25.32
C ASP A 96 15.96 -27.70 -24.02
N VAL A 97 15.56 -28.88 -23.54
CA VAL A 97 15.99 -29.37 -22.22
C VAL A 97 17.50 -29.21 -21.97
N ASP A 98 18.32 -29.83 -22.82
CA ASP A 98 19.78 -29.75 -22.64
C ASP A 98 20.20 -28.27 -22.59
N ALA A 99 19.70 -27.48 -23.52
CA ALA A 99 20.04 -26.08 -23.55
C ALA A 99 19.64 -25.31 -22.31
N LEU A 100 18.41 -25.50 -21.84
CA LEU A 100 17.97 -24.87 -20.56
C LEU A 100 18.81 -25.30 -19.38
N ASN A 101 19.13 -26.60 -19.34
CA ASN A 101 20.07 -27.08 -18.35
C ASN A 101 21.40 -26.37 -18.34
N ARG A 102 21.89 -26.00 -19.52
CA ARG A 102 23.09 -25.16 -19.62
C ARG A 102 22.90 -23.76 -19.02
N LEU A 103 21.94 -22.99 -19.53
CA LEU A 103 21.65 -21.70 -18.95
C LEU A 103 21.69 -21.81 -17.43
N HIS A 104 20.92 -22.72 -16.88
CA HIS A 104 20.83 -22.81 -15.45
C HIS A 104 22.19 -22.93 -14.82
N ASP A 105 23.02 -23.84 -15.33
CA ASP A 105 24.35 -24.07 -14.75
C ASP A 105 25.29 -22.88 -14.83
N ARG A 106 25.14 -22.11 -15.90
CA ARG A 106 25.99 -20.97 -16.12
C ARG A 106 25.59 -19.89 -15.15
N LEU A 107 24.28 -19.79 -14.90
CA LEU A 107 23.81 -18.89 -13.86
C LEU A 107 24.36 -19.29 -12.47
N ARG A 108 24.31 -20.56 -12.11
CA ARG A 108 24.84 -20.97 -10.79
C ARG A 108 26.37 -20.76 -10.69
N GLU A 109 27.06 -20.98 -11.80
CA GLU A 109 28.51 -20.78 -11.86
C GLU A 109 28.83 -19.31 -11.66
N GLY A 110 28.04 -18.46 -12.30
CA GLY A 110 28.22 -17.03 -12.22
C GLY A 110 27.97 -16.54 -10.81
N HIS A 111 26.91 -17.08 -10.20
CA HIS A 111 26.50 -16.73 -8.84
C HIS A 111 27.51 -17.15 -7.80
N SER A 112 28.08 -18.33 -7.93
CA SER A 112 29.06 -18.72 -6.92
C SER A 112 30.37 -17.92 -7.05
N ARG A 113 30.77 -17.61 -8.30
CA ARG A 113 32.01 -16.90 -8.54
C ARG A 113 31.98 -15.51 -7.93
N LEU A 114 30.85 -14.83 -8.15
CA LEU A 114 30.74 -13.41 -7.86
C LEU A 114 30.30 -13.18 -6.41
N VAL A 115 29.40 -14.01 -5.94
CA VAL A 115 28.79 -13.76 -4.66
C VAL A 115 29.80 -13.47 -3.55
N PRO A 116 31.01 -14.08 -3.59
CA PRO A 116 31.93 -13.69 -2.50
C PRO A 116 32.60 -12.31 -2.71
N LEU A 117 32.63 -11.80 -3.96
CA LEU A 117 33.17 -10.48 -4.24
C LEU A 117 32.39 -9.30 -3.63
N LEU A 118 31.11 -9.52 -3.33
CA LEU A 118 30.27 -8.43 -2.82
C LEU A 118 30.22 -8.44 -1.30
N GLU A 119 29.79 -9.56 -0.74
CA GLU A 119 29.71 -9.76 0.72
C GLU A 119 30.88 -9.16 1.51
N PRO A 120 32.11 -9.65 1.26
CA PRO A 120 33.33 -9.11 1.88
C PRO A 120 33.58 -7.62 1.63
N THR A 121 32.69 -6.98 0.88
CA THR A 121 32.71 -5.53 0.77
C THR A 121 31.63 -4.91 1.65
N GLY B 1 13.49 -11.85 -2.59
CA GLY B 1 13.60 -10.36 -2.72
C GLY B 1 13.60 -10.02 -4.20
N SER B 2 12.45 -9.61 -4.72
CA SER B 2 12.09 -9.82 -6.15
C SER B 2 12.85 -8.90 -7.11
N SER B 3 12.84 -9.18 -8.42
CA SER B 3 13.49 -8.25 -9.37
C SER B 3 12.50 -7.29 -10.03
N LEU B 4 12.60 -6.01 -9.69
CA LEU B 4 11.84 -5.00 -10.38
C LEU B 4 12.48 -4.52 -11.72
N ARG B 5 11.71 -4.57 -12.79
CA ARG B 5 12.01 -3.84 -14.02
C ARG B 5 10.73 -3.12 -14.47
N GLN B 6 10.87 -2.09 -15.30
CA GLN B 6 9.76 -1.59 -16.10
C GLN B 6 10.19 -1.57 -17.57
N LYS B 27 31.25 -29.43 -23.21
CA LYS B 27 31.14 -29.32 -21.75
C LYS B 27 29.78 -29.81 -21.24
N LEU B 28 29.79 -30.95 -20.54
CA LEU B 28 28.59 -31.47 -19.89
C LEU B 28 28.22 -30.62 -18.66
N PRO B 29 26.94 -30.23 -18.54
CA PRO B 29 26.47 -29.55 -17.32
C PRO B 29 26.14 -30.51 -16.15
N GLU B 30 26.88 -30.36 -15.04
CA GLU B 30 26.68 -31.16 -13.82
C GLU B 30 25.30 -30.93 -13.21
N SER B 31 24.59 -32.01 -12.89
CA SER B 31 23.16 -31.92 -12.57
C SER B 31 22.83 -31.08 -11.30
N VAL B 32 21.62 -30.53 -11.28
CA VAL B 32 21.02 -29.91 -10.10
C VAL B 32 19.99 -30.89 -9.55
N SER B 33 20.08 -31.20 -8.26
CA SER B 33 19.52 -32.46 -7.75
C SER B 33 17.99 -32.48 -7.70
N ASP B 34 17.39 -32.01 -6.60
CA ASP B 34 15.94 -31.94 -6.56
C ASP B 34 15.50 -30.55 -6.22
N VAL B 35 14.47 -30.06 -6.91
CA VAL B 35 14.14 -28.64 -6.84
C VAL B 35 12.63 -28.39 -6.69
N ARG B 36 12.24 -27.70 -5.63
CA ARG B 36 10.82 -27.40 -5.39
C ARG B 36 10.45 -26.02 -5.94
N PHE B 37 9.16 -25.69 -5.91
CA PHE B 37 8.71 -24.34 -6.21
C PHE B 37 8.79 -23.54 -4.91
N SER B 38 9.47 -22.41 -4.93
CA SER B 38 9.74 -21.71 -3.72
C SER B 38 8.48 -21.11 -3.19
N SER B 39 7.55 -20.79 -4.06
CA SER B 39 6.23 -20.34 -3.60
C SER B 39 5.36 -21.57 -3.64
N PRO B 40 4.16 -21.49 -3.05
CA PRO B 40 3.29 -22.66 -3.17
C PRO B 40 2.60 -22.66 -4.52
N GLN B 41 2.52 -23.81 -5.13
CA GLN B 41 1.91 -23.94 -6.43
C GLN B 41 1.14 -25.25 -6.45
N GLY B 42 -0.12 -25.22 -6.83
CA GLY B 42 -0.91 -26.41 -6.90
C GLY B 42 -0.35 -27.37 -7.93
N GLN B 43 -0.14 -28.62 -7.51
CA GLN B 43 0.24 -29.68 -8.44
C GLN B 43 -0.77 -30.84 -8.37
N GLY B 44 -1.17 -31.33 -9.54
CA GLY B 44 -2.15 -32.42 -9.61
C GLY B 44 -3.60 -31.96 -9.61
N GLU B 45 -4.53 -32.92 -9.67
CA GLU B 45 -5.96 -32.59 -9.63
C GLU B 45 -6.38 -31.87 -8.34
N SER B 46 -7.39 -31.01 -8.45
CA SER B 46 -7.97 -30.29 -7.31
C SER B 46 -9.35 -30.79 -6.99
N ARG B 47 -9.65 -30.89 -5.71
CA ARG B 47 -11.03 -31.00 -5.26
C ARG B 47 -11.50 -29.58 -4.83
N THR B 48 -12.80 -29.34 -4.79
CA THR B 48 -13.34 -28.07 -4.28
C THR B 48 -13.92 -28.24 -2.90
N LEU B 49 -13.35 -27.56 -1.91
CA LEU B 49 -13.75 -27.74 -0.51
C LEU B 49 -15.00 -26.93 -0.13
N THR B 50 -15.30 -25.90 -0.91
CA THR B 50 -16.29 -24.92 -0.52
C THR B 50 -16.43 -23.98 -1.69
N ASP B 51 -17.64 -23.93 -2.27
CA ASP B 51 -17.85 -23.33 -3.60
C ASP B 51 -17.97 -21.80 -3.60
N SER B 52 -19.18 -21.27 -3.51
CA SER B 52 -19.34 -19.85 -3.33
C SER B 52 -19.98 -19.58 -2.00
N ALA B 53 -19.16 -19.38 -0.99
CA ALA B 53 -19.65 -19.16 0.35
C ALA B 53 -19.73 -17.68 0.70
N GLY B 54 -20.93 -17.22 1.08
CA GLY B 54 -21.07 -15.89 1.65
C GLY B 54 -21.18 -14.73 0.65
N PRO B 55 -21.25 -13.49 1.19
CA PRO B 55 -21.34 -12.26 0.41
C PRO B 55 -20.14 -12.11 -0.50
N ARG B 56 -18.98 -12.60 -0.03
CA ARG B 56 -17.70 -12.45 -0.74
C ARG B 56 -17.27 -13.69 -1.48
N GLN B 57 -18.22 -14.63 -1.64
CA GLN B 57 -18.15 -15.73 -2.61
C GLN B 57 -16.93 -16.63 -2.47
N ILE B 58 -16.54 -16.88 -1.21
CA ILE B 58 -15.31 -17.61 -0.91
C ILE B 58 -15.27 -18.98 -1.64
N THR B 59 -14.28 -19.18 -2.51
CA THR B 59 -14.01 -20.53 -3.03
C THR B 59 -12.65 -21.09 -2.62
N LEU B 60 -12.67 -22.29 -2.05
CA LEU B 60 -11.43 -22.97 -1.71
C LEU B 60 -11.18 -24.22 -2.59
N ARG B 61 -10.05 -24.22 -3.30
CA ARG B 61 -9.67 -25.40 -4.05
C ARG B 61 -8.47 -25.97 -3.38
N GLN B 62 -8.38 -27.30 -3.32
CA GLN B 62 -7.21 -27.92 -2.70
C GLN B 62 -6.63 -28.96 -3.60
N PHE B 63 -5.31 -29.02 -3.62
CA PHE B 63 -4.62 -29.80 -4.61
C PHE B 63 -4.01 -31.06 -4.00
N GLU B 64 -3.50 -31.96 -4.84
CA GLU B 64 -2.94 -33.22 -4.35
C GLU B 64 -1.84 -33.06 -3.34
N ASN B 65 -1.14 -31.93 -3.36
CA ASN B 65 0.09 -31.82 -2.56
C ASN B 65 -0.09 -30.97 -1.36
N GLY B 66 -1.34 -30.58 -1.14
CA GLY B 66 -1.72 -29.76 0.00
C GLY B 66 -2.17 -28.37 -0.39
N VAL B 67 -1.48 -27.76 -1.38
CA VAL B 67 -1.63 -26.32 -1.65
C VAL B 67 -3.09 -25.99 -1.82
N THR B 68 -3.56 -25.01 -1.05
CA THR B 68 -4.92 -24.56 -1.11
C THR B 68 -5.03 -23.24 -1.80
N GLU B 69 -5.90 -23.16 -2.79
CA GLU B 69 -6.13 -21.94 -3.52
C GLU B 69 -7.46 -21.31 -3.09
N LEU B 70 -7.37 -20.03 -2.70
CA LEU B 70 -8.54 -19.22 -2.36
C LEU B 70 -8.95 -18.28 -3.49
N GLN B 71 -10.24 -18.25 -3.80
CA GLN B 71 -10.79 -17.28 -4.74
C GLN B 71 -11.97 -16.55 -4.09
N LEU B 72 -12.06 -15.24 -4.29
CA LEU B 72 -12.92 -14.42 -3.46
C LEU B 72 -13.22 -13.15 -4.21
N SER B 73 -14.43 -12.64 -4.03
CA SER B 73 -14.88 -11.42 -4.71
C SER B 73 -14.02 -10.24 -4.30
N ARG B 74 -13.75 -9.35 -5.26
CA ARG B 74 -13.05 -8.09 -4.99
C ARG B 74 -13.62 -7.43 -3.73
N PRO B 75 -12.75 -6.80 -2.94
CA PRO B 75 -13.12 -6.25 -1.65
C PRO B 75 -14.14 -5.19 -1.79
N PRO B 76 -14.70 -4.74 -0.68
CA PRO B 76 -15.73 -3.74 -0.75
C PRO B 76 -15.16 -2.38 -1.18
N LEU B 77 -15.86 -1.71 -2.08
CA LEU B 77 -15.53 -0.31 -2.38
C LEU B 77 -15.72 0.60 -1.14
N THR B 78 -14.61 1.05 -0.57
CA THR B 78 -14.70 1.86 0.60
C THR B 78 -13.97 3.16 0.44
N SER B 79 -13.50 3.45 -0.77
CA SER B 79 -12.61 4.60 -0.99
C SER B 79 -12.59 5.19 -2.39
N LEU B 80 -12.46 6.52 -2.41
CA LEU B 80 -12.59 7.32 -3.62
C LEU B 80 -11.39 8.26 -3.71
N VAL B 81 -10.53 8.02 -4.71
CA VAL B 81 -9.31 8.80 -4.87
C VAL B 81 -9.47 9.67 -6.10
N LEU B 82 -9.41 10.98 -5.90
CA LEU B 82 -9.70 11.95 -6.95
C LEU B 82 -8.43 12.71 -7.32
N SER B 83 -7.98 12.52 -8.56
CA SER B 83 -6.73 13.13 -9.00
C SER B 83 -6.98 14.49 -9.64
N GLY B 84 -6.03 15.41 -9.50
CA GLY B 84 -6.32 16.83 -9.68
C GLY B 84 -6.16 17.31 -11.10
N GLY B 85 -5.42 18.41 -11.25
CA GLY B 85 -5.05 18.92 -12.57
C GLY B 85 -6.16 19.63 -13.30
N GLY B 86 -5.76 20.47 -14.26
CA GLY B 86 -6.70 21.17 -15.14
C GLY B 86 -7.76 21.94 -14.39
N ALA B 87 -8.91 22.13 -15.02
CA ALA B 87 -10.07 22.69 -14.35
C ALA B 87 -11.27 21.76 -14.51
N LYS B 88 -11.03 20.63 -15.20
CA LYS B 88 -12.10 19.81 -15.80
C LYS B 88 -13.04 19.11 -14.80
N GLY B 89 -13.01 19.57 -13.55
CA GLY B 89 -13.85 19.01 -12.49
C GLY B 89 -15.34 19.29 -12.61
N ALA B 90 -15.78 19.58 -13.83
CA ALA B 90 -17.21 19.66 -14.16
C ALA B 90 -17.71 18.34 -14.71
N ALA B 91 -16.78 17.40 -14.91
CA ALA B 91 -17.12 16.02 -15.29
C ALA B 91 -17.46 15.20 -14.04
N TYR B 92 -16.86 15.62 -12.92
CA TYR B 92 -16.90 14.88 -11.64
C TYR B 92 -18.29 14.38 -11.20
N PRO B 93 -19.35 15.19 -11.42
CA PRO B 93 -20.69 14.74 -11.01
C PRO B 93 -21.23 13.59 -11.87
N GLY B 94 -20.61 13.33 -13.02
CA GLY B 94 -20.89 12.11 -13.78
C GLY B 94 -20.78 10.88 -12.89
N ALA B 95 -19.59 10.69 -12.32
CA ALA B 95 -19.34 9.61 -11.37
C ALA B 95 -20.30 9.64 -10.18
N MSE B 96 -20.52 10.83 -9.63
CA MSE B 96 -21.25 10.95 -8.37
C MSE B 96 -22.60 10.35 -8.56
O MSE B 96 -23.08 9.60 -7.70
CB MSE B 96 -21.34 12.40 -7.92
CG MSE B 96 -19.97 13.08 -7.73
SE MSE B 96 -18.53 11.89 -7.08
CE MSE B 96 -16.98 12.75 -7.97
N LEU B 97 -23.22 10.65 -9.71
CA LEU B 97 -24.48 10.04 -10.10
C LEU B 97 -24.37 8.53 -10.28
N ALA B 98 -23.45 8.10 -11.16
CA ALA B 98 -23.12 6.69 -11.33
C ALA B 98 -22.99 5.90 -10.00
N LEU B 99 -22.53 6.57 -8.95
CA LEU B 99 -22.37 5.92 -7.65
C LEU B 99 -23.69 5.70 -6.92
N GLU B 100 -24.49 6.75 -6.76
CA GLU B 100 -25.81 6.59 -6.15
C GLU B 100 -26.78 5.87 -7.07
N GLU B 101 -26.56 5.96 -8.39
CA GLU B 101 -27.41 5.27 -9.36
C GLU B 101 -27.34 3.76 -9.13
N LYS B 102 -26.12 3.24 -9.03
CA LYS B 102 -25.91 1.82 -8.74
C LYS B 102 -25.95 1.59 -7.22
N GLY B 103 -25.94 2.68 -6.45
CA GLY B 103 -26.13 2.61 -5.01
C GLY B 103 -24.97 1.94 -4.30
N MSE B 104 -23.84 2.63 -4.27
CA MSE B 104 -22.68 2.19 -3.49
C MSE B 104 -22.02 3.41 -2.95
O MSE B 104 -20.86 3.37 -2.54
CB MSE B 104 -21.70 1.46 -4.38
CG MSE B 104 -21.82 -0.04 -4.21
SE MSE B 104 -21.42 -0.87 -5.97
CE MSE B 104 -20.72 -2.60 -5.34
N LEU B 105 -22.74 4.54 -2.98
CA LEU B 105 -22.23 5.76 -2.39
C LEU B 105 -22.29 5.62 -0.90
N ASP B 106 -23.37 5.02 -0.39
CA ASP B 106 -23.46 4.68 1.02
C ASP B 106 -22.17 4.00 1.46
N GLY B 107 -21.73 3.03 0.65
CA GLY B 107 -20.66 2.11 1.03
C GLY B 107 -19.29 2.74 1.15
N ILE B 108 -19.13 3.92 0.57
CA ILE B 108 -17.88 4.69 0.69
C ILE B 108 -17.67 5.16 2.13
N ARG B 109 -16.43 5.03 2.60
CA ARG B 109 -16.06 5.52 3.92
C ARG B 109 -14.90 6.51 3.92
N SER B 110 -14.39 6.86 2.75
CA SER B 110 -13.16 7.68 2.63
C SER B 110 -13.09 8.43 1.29
N MSE B 111 -12.54 9.64 1.30
CA MSE B 111 -12.33 10.34 0.05
C MSE B 111 -11.05 11.08 0.04
O MSE B 111 -10.69 11.74 1.02
CB MSE B 111 -13.44 11.32 -0.12
CG MSE B 111 -14.42 10.79 -1.14
SE MSE B 111 -16.14 11.67 -0.77
CE MSE B 111 -17.38 10.13 -0.85
N SER B 112 -10.35 11.00 -1.10
CA SER B 112 -8.97 11.44 -1.20
C SER B 112 -8.74 12.14 -2.52
N GLY B 113 -8.32 13.39 -2.45
CA GLY B 113 -8.17 14.18 -3.66
C GLY B 113 -6.98 15.08 -3.59
N SER B 114 -6.43 15.39 -4.76
CA SER B 114 -5.28 16.29 -4.89
C SER B 114 -5.64 17.47 -5.80
N SER B 115 -4.83 18.53 -5.75
CA SER B 115 -5.04 19.71 -6.60
C SER B 115 -6.52 20.08 -6.82
N ALA B 116 -6.98 19.97 -8.06
CA ALA B 116 -8.34 20.39 -8.46
C ALA B 116 -9.46 19.50 -7.88
N GLY B 117 -9.21 18.20 -7.82
CA GLY B 117 -10.16 17.28 -7.19
C GLY B 117 -10.13 17.39 -5.67
N GLY B 118 -9.20 18.21 -5.16
CA GLY B 118 -9.04 18.41 -3.72
C GLY B 118 -10.24 19.13 -3.15
N ILE B 119 -10.70 20.16 -3.86
CA ILE B 119 -11.96 20.81 -3.52
C ILE B 119 -13.11 19.80 -3.60
N THR B 120 -13.28 19.19 -4.78
CA THR B 120 -14.44 18.34 -5.09
C THR B 120 -14.80 17.31 -3.98
N ALA B 121 -13.79 16.61 -3.47
CA ALA B 121 -13.99 15.59 -2.43
C ALA B 121 -14.32 16.18 -1.06
N ALA B 122 -13.84 17.40 -0.81
CA ALA B 122 -14.32 18.23 0.30
C ALA B 122 -15.84 18.30 0.29
N LEU B 123 -16.38 18.95 -0.74
CA LEU B 123 -17.82 19.02 -0.97
C LEU B 123 -18.50 17.71 -0.64
N LEU B 124 -17.94 16.62 -1.15
CA LEU B 124 -18.64 15.34 -1.13
C LEU B 124 -18.61 14.68 0.23
N ALA B 125 -17.46 14.76 0.89
CA ALA B 125 -17.31 14.21 2.23
C ALA B 125 -18.25 14.92 3.21
N SER B 126 -18.26 16.25 3.14
CA SER B 126 -19.25 17.10 3.84
C SER B 126 -20.71 16.57 3.81
N GLY B 127 -21.03 15.72 2.84
CA GLY B 127 -22.29 14.98 2.82
C GLY B 127 -23.27 15.46 1.75
N MSE B 128 -22.75 16.22 0.79
CA MSE B 128 -23.57 16.81 -0.26
C MSE B 128 -24.13 15.76 -1.15
O MSE B 128 -23.41 15.16 -1.93
CB MSE B 128 -22.64 17.63 -1.15
CG MSE B 128 -22.57 19.07 -0.72
SE MSE B 128 -22.26 20.04 -2.39
CE MSE B 128 -24.05 20.86 -2.58
N SER B 129 -25.45 15.58 -1.09
CA SER B 129 -26.11 14.60 -1.96
C SER B 129 -25.76 14.78 -3.46
N PRO B 130 -25.92 13.70 -4.26
CA PRO B 130 -25.57 13.66 -5.70
C PRO B 130 -26.18 14.80 -6.50
N ALA B 131 -27.52 14.95 -6.45
CA ALA B 131 -28.23 16.04 -7.12
C ALA B 131 -27.81 17.41 -6.58
N ALA B 132 -27.73 17.55 -5.26
CA ALA B 132 -27.24 18.79 -4.63
C ALA B 132 -25.90 19.25 -5.23
N PHE B 133 -24.94 18.33 -5.29
CA PHE B 133 -23.60 18.63 -5.81
C PHE B 133 -23.61 19.25 -7.22
N LYS B 134 -24.49 18.75 -8.10
CA LYS B 134 -24.49 19.18 -9.51
C LYS B 134 -24.79 20.66 -9.71
N THR B 135 -25.93 21.10 -9.20
CA THR B 135 -26.34 22.51 -9.33
C THR B 135 -25.20 23.42 -8.87
N LEU B 136 -24.48 22.98 -7.83
CA LEU B 136 -23.36 23.75 -7.33
C LEU B 136 -22.21 23.77 -8.33
N SER B 137 -21.99 22.67 -9.02
CA SER B 137 -20.90 22.57 -9.97
C SER B 137 -21.22 23.33 -11.25
N ASP B 138 -22.49 23.70 -11.40
CA ASP B 138 -22.94 24.48 -12.55
C ASP B 138 -22.92 25.98 -12.24
N LYS B 139 -22.58 26.32 -11.00
CA LYS B 139 -22.20 27.68 -10.63
C LYS B 139 -20.79 27.65 -10.09
N MSE B 140 -20.19 26.42 -10.14
CA MSE B 140 -18.83 26.20 -9.69
C MSE B 140 -17.91 26.17 -10.89
O MSE B 140 -16.76 26.62 -10.81
CB MSE B 140 -18.78 24.85 -8.98
CG MSE B 140 -17.38 24.43 -8.51
SE MSE B 140 -17.07 25.10 -6.64
CE MSE B 140 -18.92 25.80 -6.28
N ASP B 141 -18.40 25.63 -12.01
CA ASP B 141 -17.62 25.58 -13.23
C ASP B 141 -17.38 26.97 -13.83
N LEU B 142 -18.15 27.96 -13.33
CA LEU B 142 -17.75 29.35 -13.45
C LEU B 142 -16.59 29.59 -12.48
N ILE B 143 -16.81 29.29 -11.20
CA ILE B 143 -15.87 29.67 -10.15
C ILE B 143 -14.51 28.95 -10.28
N SER B 144 -14.55 27.65 -10.58
CA SER B 144 -13.34 26.85 -10.77
C SER B 144 -12.54 27.33 -11.98
N LEU B 145 -13.24 27.92 -12.94
CA LEU B 145 -12.61 28.49 -14.13
C LEU B 145 -12.24 29.95 -13.91
N LEU B 146 -12.92 30.62 -12.98
CA LEU B 146 -12.59 32.01 -12.67
C LEU B 146 -11.41 32.10 -11.71
N ASP B 147 -11.15 31.02 -10.99
CA ASP B 147 -9.93 30.92 -10.19
C ASP B 147 -8.76 30.51 -11.07
N SER B 148 -9.07 30.08 -12.30
CA SER B 148 -8.07 29.98 -13.37
C SER B 148 -8.10 31.22 -14.31
N SER B 149 -9.09 32.09 -14.11
CA SER B 149 -9.06 33.46 -14.63
C SER B 149 -8.41 34.37 -13.60
N ASN B 150 -8.31 33.84 -12.37
CA ASN B 150 -7.47 34.41 -11.31
C ASN B 150 -6.02 34.09 -11.63
N LYS B 151 -5.69 32.80 -11.65
CA LYS B 151 -4.41 32.31 -12.13
C LYS B 151 -4.32 32.44 -13.66
N ILE B 175 15.20 18.34 10.82
CA ILE B 175 13.97 18.33 11.61
C ILE B 175 12.75 18.34 10.69
N GLY B 176 11.63 17.78 11.15
CA GLY B 176 10.30 17.92 10.52
C GLY B 176 10.29 17.97 9.00
N GLY B 177 9.76 19.06 8.44
CA GLY B 177 9.85 19.32 7.00
C GLY B 177 8.96 20.46 6.56
N PHE B 178 8.75 20.60 5.24
CA PHE B 178 7.74 21.52 4.73
C PHE B 178 6.35 20.92 4.88
N SER B 179 5.96 20.67 6.14
CA SER B 179 4.68 20.07 6.46
C SER B 179 4.16 20.61 7.80
N GLU B 180 5.01 20.61 8.82
CA GLU B 180 4.68 21.25 10.09
C GLU B 180 5.01 22.74 10.06
N LEU B 181 5.87 23.15 9.13
CA LEU B 181 6.16 24.58 8.96
C LEU B 181 5.12 25.21 8.07
N LEU B 182 4.27 24.37 7.47
CA LEU B 182 2.96 24.80 6.96
C LEU B 182 1.95 24.73 8.09
N LEU B 183 1.83 23.53 8.65
CA LEU B 183 1.03 23.26 9.84
C LEU B 183 1.24 24.29 10.97
N ASN B 184 2.34 25.04 10.93
CA ASN B 184 2.54 26.13 11.90
C ASN B 184 2.44 27.56 11.32
N VAL B 185 2.40 27.67 10.00
CA VAL B 185 2.32 28.96 9.33
C VAL B 185 0.88 29.41 9.07
N LEU B 186 -0.07 28.48 9.24
CA LEU B 186 -1.51 28.77 9.01
C LEU B 186 -2.11 29.86 9.92
N PRO B 187 -1.85 29.78 11.25
CA PRO B 187 -2.53 30.70 12.17
C PRO B 187 -1.88 32.08 12.20
N ARG B 188 -0.94 32.33 11.28
CA ARG B 188 -0.02 33.46 11.39
C ARG B 188 -0.42 34.69 10.59
N ILE B 189 -0.06 34.71 9.30
CA ILE B 189 -0.29 35.90 8.47
C ILE B 189 -1.02 35.57 7.14
N ASP B 190 -2.10 34.79 7.26
CA ASP B 190 -2.90 34.35 6.09
C ASP B 190 -4.32 34.90 6.09
N SER B 191 -4.72 35.53 4.98
CA SER B 191 -6.04 36.16 4.88
C SER B 191 -7.14 35.16 5.15
N ARG B 192 -7.95 35.47 6.16
CA ARG B 192 -8.84 34.50 6.78
C ARG B 192 -9.74 33.74 5.79
N ALA B 193 -10.69 34.42 5.16
CA ALA B 193 -11.69 33.75 4.33
C ALA B 193 -11.99 34.46 3.00
N GLU B 194 -11.61 33.80 1.90
CA GLU B 194 -11.79 34.33 0.54
C GLU B 194 -13.15 33.92 -0.04
N PRO B 195 -13.41 34.24 -1.34
CA PRO B 195 -14.67 33.83 -1.99
C PRO B 195 -14.82 32.32 -2.06
N LEU B 196 -13.69 31.63 -2.21
CA LEU B 196 -13.65 30.19 -2.29
C LEU B 196 -13.79 29.57 -0.90
N GLU B 197 -12.97 30.03 0.04
CA GLU B 197 -13.08 29.62 1.45
C GLU B 197 -14.51 29.78 1.99
N ARG B 198 -15.13 30.94 1.76
CA ARG B 198 -16.51 31.20 2.21
C ARG B 198 -17.49 30.18 1.62
N LEU B 199 -17.47 30.06 0.29
CA LEU B 199 -18.41 29.22 -0.47
C LEU B 199 -18.34 27.73 -0.05
N LEU B 200 -17.11 27.22 0.02
CA LEU B 200 -16.85 25.89 0.56
C LEU B 200 -17.27 25.79 2.03
N ARG B 201 -16.92 26.79 2.83
CA ARG B 201 -17.25 26.78 4.26
C ARG B 201 -18.72 26.54 4.45
N ASP B 202 -19.52 27.09 3.55
CA ASP B 202 -20.96 27.03 3.67
C ASP B 202 -21.54 25.76 3.05
N GLU B 203 -21.11 25.43 1.83
CA GLU B 203 -21.47 24.16 1.20
C GLU B 203 -21.33 22.99 2.17
N THR B 204 -20.11 22.81 2.66
CA THR B 204 -19.80 21.80 3.67
C THR B 204 -20.71 21.91 4.91
N ARG B 205 -20.88 23.13 5.44
CA ARG B 205 -21.63 23.35 6.67
C ARG B 205 -23.12 23.03 6.47
N LYS B 206 -23.63 23.23 5.25
CA LYS B 206 -25.02 22.87 4.94
C LYS B 206 -25.24 21.36 4.94
N ALA B 207 -24.40 20.66 4.17
CA ALA B 207 -24.48 19.20 4.06
C ALA B 207 -24.44 18.55 5.44
N VAL B 208 -23.34 18.75 6.16
CA VAL B 208 -23.14 18.19 7.51
C VAL B 208 -24.27 18.48 8.48
N LEU B 209 -24.74 19.73 8.48
CA LEU B 209 -25.81 20.11 9.37
C LEU B 209 -27.13 19.49 8.91
N GLY B 210 -27.28 19.30 7.60
CA GLY B 210 -28.51 18.71 7.03
C GLY B 210 -28.67 17.23 7.35
N GLN B 211 -27.59 16.48 7.19
CA GLN B 211 -27.52 15.08 7.56
C GLN B 211 -27.81 14.88 9.05
N ILE B 212 -27.13 15.64 9.90
CA ILE B 212 -27.40 15.66 11.35
C ILE B 212 -28.90 15.61 11.67
N ALA B 213 -29.70 16.38 10.93
CA ALA B 213 -31.14 16.46 11.18
C ALA B 213 -31.90 15.23 10.67
N THR B 214 -31.62 14.82 9.43
CA THR B 214 -32.28 13.65 8.87
C THR B 214 -32.12 12.45 9.81
N HIS B 215 -31.12 12.52 10.68
CA HIS B 215 -30.74 11.44 11.59
C HIS B 215 -30.84 11.90 13.02
N PRO B 216 -32.05 12.27 13.49
CA PRO B 216 -32.18 12.93 14.79
C PRO B 216 -31.86 12.00 15.99
N GLU B 217 -31.60 10.74 15.68
CA GLU B 217 -31.14 9.77 16.68
C GLU B 217 -29.70 10.07 17.12
N VAL B 218 -28.89 10.60 16.20
CA VAL B 218 -27.50 10.99 16.51
C VAL B 218 -27.40 12.42 17.04
N ALA B 219 -28.20 13.31 16.47
CA ALA B 219 -28.22 14.69 16.87
C ALA B 219 -28.28 14.87 18.40
N ARG B 220 -28.93 13.91 19.07
CA ARG B 220 -29.16 13.96 20.52
C ARG B 220 -27.92 13.60 21.32
N GLN B 221 -26.94 12.98 20.65
CA GLN B 221 -25.72 12.58 21.33
C GLN B 221 -24.80 13.77 21.57
N PRO B 222 -24.49 14.06 22.85
CA PRO B 222 -23.58 15.10 23.32
C PRO B 222 -22.53 15.52 22.28
N THR B 223 -21.65 14.61 21.90
CA THR B 223 -20.51 14.97 21.03
C THR B 223 -20.94 15.57 19.68
N VAL B 224 -22.00 15.00 19.10
CA VAL B 224 -22.57 15.53 17.86
C VAL B 224 -23.16 16.92 18.10
N ALA B 225 -23.99 17.06 19.13
CA ALA B 225 -24.63 18.32 19.45
C ALA B 225 -23.61 19.38 19.87
N ALA B 226 -22.40 18.93 20.23
CA ALA B 226 -21.28 19.83 20.47
C ALA B 226 -20.74 20.36 19.14
N ILE B 227 -20.75 19.50 18.12
CA ILE B 227 -20.19 19.82 16.81
C ILE B 227 -21.09 20.75 15.99
N ALA B 228 -22.40 20.57 16.12
CA ALA B 228 -23.35 21.34 15.33
C ALA B 228 -23.66 22.70 15.96
N SER B 229 -23.36 22.85 17.24
CA SER B 229 -23.40 24.17 17.86
C SER B 229 -22.14 24.96 17.50
N ARG B 230 -21.03 24.26 17.28
CA ARG B 230 -19.86 24.89 16.67
C ARG B 230 -20.19 25.36 15.25
N LEU B 231 -20.74 24.45 14.44
CA LEU B 231 -20.98 24.75 13.04
C LEU B 231 -21.91 25.95 12.83
N GLN B 232 -23.00 25.98 13.60
CA GLN B 232 -23.98 27.07 13.53
C GLN B 232 -23.45 28.42 14.04
N SER B 233 -22.49 28.37 14.97
CA SER B 233 -21.69 29.55 15.43
C SER B 233 -20.82 30.25 14.36
N GLY B 234 -20.67 29.62 13.20
CA GLY B 234 -19.96 30.23 12.08
C GLY B 234 -18.68 29.48 11.74
N SER B 235 -18.34 28.47 12.54
CA SER B 235 -17.15 27.63 12.31
C SER B 235 -17.29 26.70 11.09
N GLY B 236 -16.17 26.44 10.43
CA GLY B 236 -16.14 25.50 9.30
C GLY B 236 -15.99 24.06 9.75
N VAL B 237 -16.29 23.13 8.85
CA VAL B 237 -16.07 21.72 9.17
C VAL B 237 -14.58 21.36 9.11
N THR B 238 -14.12 20.71 10.16
CA THR B 238 -12.75 20.24 10.26
C THR B 238 -12.65 18.82 9.69
N PHE B 239 -11.45 18.26 9.69
CA PHE B 239 -11.33 16.83 9.44
C PHE B 239 -11.78 16.06 10.70
N GLY B 240 -11.30 16.52 11.86
CA GLY B 240 -11.58 15.87 13.13
C GLY B 240 -13.03 15.42 13.27
N ASP B 241 -13.94 16.23 12.73
CA ASP B 241 -15.34 15.96 12.93
C ASP B 241 -15.98 15.27 11.73
N LEU B 242 -15.50 15.58 10.53
CA LEU B 242 -15.88 14.80 9.36
C LEU B 242 -15.66 13.34 9.70
N ASP B 243 -14.50 13.07 10.24
CA ASP B 243 -14.21 11.77 10.83
C ASP B 243 -15.23 11.39 11.88
N ARG B 244 -15.35 12.21 12.92
CA ARG B 244 -16.21 11.88 14.06
C ARG B 244 -17.66 11.62 13.67
N LEU B 245 -18.10 12.23 12.58
CA LEU B 245 -19.46 12.07 12.07
C LEU B 245 -19.68 10.85 11.18
N SER B 246 -18.63 10.44 10.46
CA SER B 246 -18.69 9.24 9.63
C SER B 246 -18.90 7.94 10.42
N ALA B 247 -18.59 7.95 11.71
CA ALA B 247 -18.91 6.82 12.59
C ALA B 247 -20.40 6.69 12.89
N TYR B 248 -21.09 7.83 13.01
CA TYR B 248 -22.53 7.85 13.22
C TYR B 248 -23.25 7.67 11.89
N ILE B 249 -23.18 8.70 11.04
CA ILE B 249 -23.92 8.70 9.78
C ILE B 249 -23.01 8.22 8.66
N PRO B 250 -23.52 7.30 7.80
CA PRO B 250 -22.74 6.75 6.67
C PRO B 250 -22.74 7.58 5.36
N GLN B 251 -23.41 8.73 5.35
CA GLN B 251 -23.35 9.64 4.20
C GLN B 251 -22.34 10.76 4.44
N ILE B 252 -21.76 10.76 5.63
CA ILE B 252 -20.57 11.56 5.85
C ILE B 252 -19.29 10.73 5.74
N LYS B 253 -18.37 11.26 4.95
CA LYS B 253 -17.16 10.60 4.60
C LYS B 253 -15.97 11.33 5.20
N THR B 254 -14.88 10.59 5.43
CA THR B 254 -13.58 11.17 5.82
C THR B 254 -12.92 11.85 4.64
N LEU B 255 -11.90 12.65 4.91
CA LEU B 255 -11.26 13.38 3.83
C LEU B 255 -9.76 13.34 3.95
N ASN B 256 -9.12 13.16 2.81
CA ASN B 256 -7.69 13.24 2.68
C ASN B 256 -7.42 14.10 1.47
N ILE B 257 -6.79 15.25 1.69
CA ILE B 257 -6.37 16.09 0.58
C ILE B 257 -4.87 16.13 0.52
N THR B 258 -4.32 15.62 -0.59
CA THR B 258 -2.87 15.63 -0.78
C THR B 258 -2.50 16.77 -1.73
N GLY B 259 -1.24 17.21 -1.67
CA GLY B 259 -0.74 18.27 -2.54
C GLY B 259 0.77 18.29 -2.52
N THR B 260 1.38 18.79 -3.59
CA THR B 260 2.83 18.74 -3.74
C THR B 260 3.45 20.13 -3.96
N ALA B 261 4.08 20.69 -2.93
CA ALA B 261 4.61 22.07 -3.03
C ALA B 261 6.07 22.05 -3.37
N MSE B 262 6.44 22.79 -4.42
CA MSE B 262 7.85 23.10 -4.70
C MSE B 262 8.42 23.95 -3.60
O MSE B 262 7.85 24.99 -3.28
CB MSE B 262 7.99 23.90 -6.01
CG MSE B 262 7.48 23.12 -7.22
SE MSE B 262 8.94 22.06 -8.07
CE MSE B 262 10.18 23.48 -8.65
N PHE B 263 9.50 23.51 -2.98
CA PHE B 263 10.42 24.43 -2.33
C PHE B 263 11.85 24.14 -2.76
N GLU B 264 12.60 25.19 -3.07
CA GLU B 264 14.01 25.05 -3.38
C GLU B 264 14.14 24.08 -4.55
N GLY B 265 13.32 24.29 -5.58
CA GLY B 265 13.22 23.35 -6.71
C GLY B 265 12.78 21.94 -6.36
N ARG B 266 12.60 21.67 -5.06
CA ARG B 266 12.39 20.32 -4.56
C ARG B 266 10.97 20.11 -4.09
N PRO B 267 10.18 19.35 -4.86
CA PRO B 267 8.77 19.12 -4.54
C PRO B 267 8.66 18.43 -3.22
N GLN B 268 7.64 18.77 -2.45
CA GLN B 268 7.47 18.20 -1.13
C GLN B 268 6.06 17.68 -1.04
N LEU B 269 5.89 16.52 -0.41
CA LEU B 269 4.55 16.03 -0.13
C LEU B 269 3.97 16.74 1.09
N VAL B 270 2.68 17.08 1.00
CA VAL B 270 1.94 17.72 2.10
C VAL B 270 0.55 17.09 2.26
N VAL B 271 0.23 16.66 3.47
CA VAL B 271 -1.04 15.99 3.70
C VAL B 271 -1.94 16.72 4.70
N PHE B 272 -3.19 16.86 4.31
CA PHE B 272 -4.26 17.26 5.20
C PHE B 272 -5.20 16.09 5.38
N ASN B 273 -5.22 15.57 6.60
CA ASN B 273 -6.19 14.57 6.98
C ASN B 273 -6.50 14.59 8.48
N ALA B 274 -7.43 13.72 8.86
CA ALA B 274 -7.93 13.61 10.23
C ALA B 274 -6.83 13.45 11.25
N SER B 275 -5.71 12.83 10.85
CA SER B 275 -4.65 12.49 11.80
C SER B 275 -3.56 13.57 11.94
N HIS B 276 -3.23 14.26 10.85
CA HIS B 276 -2.15 15.23 10.87
C HIS B 276 -2.62 16.63 11.10
N THR B 277 -3.80 16.95 10.60
CA THR B 277 -4.32 18.30 10.69
C THR B 277 -5.79 18.28 11.13
N PRO B 278 -6.06 17.81 12.37
CA PRO B 278 -7.37 17.35 12.74
C PRO B 278 -8.38 18.48 12.87
N ASP B 279 -7.90 19.64 13.35
CA ASP B 279 -8.79 20.71 13.72
C ASP B 279 -8.72 21.86 12.71
N LEU B 280 -7.75 21.77 11.81
CA LEU B 280 -7.73 22.64 10.65
C LEU B 280 -9.00 22.43 9.84
N GLU B 281 -9.47 23.49 9.20
CA GLU B 281 -10.72 23.44 8.48
C GLU B 281 -10.58 22.90 7.05
N VAL B 282 -11.48 22.00 6.70
CA VAL B 282 -11.55 21.39 5.37
C VAL B 282 -11.53 22.39 4.24
N ALA B 283 -12.18 23.51 4.45
CA ALA B 283 -12.23 24.57 3.43
C ALA B 283 -10.85 25.14 3.18
N GLN B 284 -10.11 25.41 4.24
CA GLN B 284 -8.84 26.11 4.15
C GLN B 284 -7.92 25.32 3.26
N ALA B 285 -7.81 24.04 3.59
CA ALA B 285 -6.92 23.11 2.94
C ALA B 285 -7.21 22.97 1.45
N ALA B 286 -8.48 22.68 1.11
CA ALA B 286 -8.85 22.42 -0.27
C ALA B 286 -8.51 23.58 -1.19
N HIS B 287 -8.50 24.79 -0.60
CA HIS B 287 -8.06 26.02 -1.27
C HIS B 287 -6.56 26.09 -1.33
N ILE B 288 -5.91 25.77 -0.22
CA ILE B 288 -4.46 25.81 -0.20
C ILE B 288 -3.97 24.92 -1.32
N SER B 289 -4.50 23.70 -1.38
CA SER B 289 -4.16 22.75 -2.43
C SER B 289 -4.83 23.07 -3.77
N GLY B 290 -5.56 24.18 -3.82
CA GLY B 290 -5.94 24.81 -5.09
C GLY B 290 -4.77 25.57 -5.69
N SER B 291 -3.83 25.97 -4.84
CA SER B 291 -2.66 26.73 -5.26
C SER B 291 -1.70 25.90 -6.14
N PHE B 292 -1.75 26.19 -7.46
CA PHE B 292 -1.01 25.48 -8.53
C PHE B 292 0.45 25.09 -8.13
N PRO B 293 1.45 25.97 -8.44
CA PRO B 293 2.51 26.15 -7.44
C PRO B 293 2.24 27.40 -6.59
N GLY B 294 2.34 27.25 -5.26
CA GLY B 294 1.95 28.31 -4.32
C GLY B 294 3.07 28.96 -3.54
N VAL B 295 2.90 30.24 -3.20
CA VAL B 295 3.94 31.03 -2.51
C VAL B 295 4.27 30.49 -1.12
N PHE B 296 5.56 30.50 -0.76
CA PHE B 296 6.00 30.11 0.59
C PHE B 296 6.17 31.30 1.54
N GLN B 297 5.41 32.37 1.28
CA GLN B 297 5.39 33.55 2.14
C GLN B 297 6.80 34.09 2.36
N LYS B 298 7.80 33.32 1.94
CA LYS B 298 9.20 33.63 2.19
C LYS B 298 9.53 33.58 3.68
N VAL B 299 8.92 32.64 4.38
CA VAL B 299 9.21 32.43 5.82
C VAL B 299 10.64 31.92 6.04
N SER B 300 11.30 32.44 7.08
CA SER B 300 12.72 32.16 7.29
C SER B 300 12.97 30.99 8.25
N LEU B 301 14.24 30.56 8.33
CA LEU B 301 14.63 29.34 9.04
C LEU B 301 14.52 29.47 10.55
N GLY B 319 4.59 12.05 -18.39
CA GLY B 319 3.96 12.59 -17.16
C GLY B 319 4.58 13.94 -16.76
N VAL B 320 3.89 14.69 -15.89
CA VAL B 320 4.34 16.02 -15.44
C VAL B 320 4.51 16.07 -13.90
N MSE B 321 4.48 17.28 -13.32
CA MSE B 321 4.81 17.48 -11.91
C MSE B 321 3.63 17.80 -11.02
O MSE B 321 3.61 17.45 -9.84
CB MSE B 321 5.89 18.56 -11.77
CG MSE B 321 5.29 19.95 -11.56
SE MSE B 321 5.88 20.69 -9.83
CE MSE B 321 5.51 19.18 -8.62
N ILE B 322 2.61 18.48 -11.58
CA ILE B 322 1.40 18.83 -10.82
C ILE B 322 0.76 17.59 -10.23
N ASN B 323 1.09 16.43 -10.80
CA ASN B 323 0.63 15.17 -10.27
C ASN B 323 1.32 14.80 -8.96
N VAL B 324 0.51 14.64 -7.93
CA VAL B 324 0.86 13.79 -6.80
C VAL B 324 0.74 12.36 -7.32
N PRO B 325 1.87 11.65 -7.41
CA PRO B 325 1.80 10.25 -7.90
C PRO B 325 0.68 9.45 -7.21
N VAL B 326 -0.13 8.74 -7.98
CA VAL B 326 -1.32 8.09 -7.42
C VAL B 326 -1.10 7.46 -6.03
N PRO B 327 -0.08 6.58 -5.91
CA PRO B 327 0.09 5.74 -4.70
C PRO B 327 0.45 6.51 -3.43
N GLU B 328 0.74 7.80 -3.55
CA GLU B 328 1.04 8.62 -2.39
C GLU B 328 -0.22 9.10 -1.68
N MSE B 329 -1.39 8.69 -2.18
CA MSE B 329 -2.64 9.07 -1.56
C MSE B 329 -3.25 7.85 -0.94
O MSE B 329 -3.73 7.89 0.18
CB MSE B 329 -3.60 9.64 -2.57
CG MSE B 329 -3.03 10.91 -3.20
SE MSE B 329 -4.24 11.45 -4.66
CE MSE B 329 -2.97 12.07 -6.03
N ILE B 330 -3.20 6.74 -1.68
CA ILE B 330 -3.68 5.49 -1.15
C ILE B 330 -2.88 5.13 0.09
N ASP B 331 -3.57 4.59 1.09
CA ASP B 331 -2.99 4.43 2.44
C ASP B 331 -2.20 3.15 2.66
N LYS B 332 -1.08 3.28 3.35
CA LYS B 332 -0.37 2.12 3.84
C LYS B 332 -1.07 1.63 5.10
N ASN B 333 -1.44 0.36 5.11
CA ASN B 333 -2.00 -0.23 6.32
C ASN B 333 -1.53 -1.68 6.57
N PHE B 334 -1.51 -2.07 7.83
CA PHE B 334 -1.00 -3.38 8.21
C PHE B 334 -2.14 -4.36 8.45
N ASP B 335 -2.59 -4.99 7.37
CA ASP B 335 -3.60 -6.04 7.44
C ASP B 335 -3.02 -7.31 8.06
N SER B 336 -3.80 -7.94 8.93
CA SER B 336 -3.34 -9.10 9.69
C SER B 336 -2.86 -10.24 8.79
N GLY B 337 -3.19 -10.13 7.49
CA GLY B 337 -2.94 -11.21 6.54
C GLY B 337 -2.82 -10.73 5.12
N PRO B 338 -2.70 -11.66 4.17
CA PRO B 338 -2.46 -11.36 2.75
C PRO B 338 -3.69 -10.80 2.01
N LEU B 339 -4.80 -10.58 2.72
CA LEU B 339 -6.01 -10.07 2.11
C LEU B 339 -6.10 -8.56 2.18
N ARG B 340 -6.38 -7.95 1.03
CA ARG B 340 -6.60 -6.52 0.96
C ARG B 340 -7.92 -6.25 1.55
N ARG B 341 -8.06 -5.15 2.30
CA ARG B 341 -9.30 -4.90 3.04
C ARG B 341 -10.34 -4.08 2.31
N ASN B 342 -9.95 -3.51 1.17
CA ASN B 342 -10.86 -2.66 0.45
C ASN B 342 -10.33 -2.35 -0.94
N ASP B 343 -11.12 -1.62 -1.71
CA ASP B 343 -10.79 -1.30 -3.08
C ASP B 343 -10.85 0.20 -3.22
N ASN B 344 -10.21 0.69 -4.26
CA ASN B 344 -10.28 2.09 -4.60
C ASN B 344 -10.88 2.32 -5.95
N LEU B 345 -11.73 3.34 -6.04
CA LEU B 345 -12.12 3.87 -7.34
C LEU B 345 -11.28 5.08 -7.60
N ILE B 346 -10.40 4.99 -8.59
CA ILE B 346 -9.45 6.04 -8.81
C ILE B 346 -9.81 6.72 -10.10
N LEU B 347 -10.22 7.99 -10.00
CA LEU B 347 -10.54 8.83 -11.16
C LEU B 347 -9.38 9.75 -11.56
N GLU B 348 -8.93 9.61 -12.81
CA GLU B 348 -7.70 10.23 -13.29
C GLU B 348 -7.93 11.02 -14.58
N PHE B 349 -7.13 12.08 -14.76
CA PHE B 349 -7.29 13.01 -15.90
C PHE B 349 -6.12 13.04 -16.89
N GLU B 350 -6.42 13.46 -18.13
CA GLU B 350 -5.41 13.78 -19.14
C GLU B 350 -6.02 14.54 -20.35
N GLN B 384 2.52 -6.41 0.64
CA GLN B 384 1.33 -6.15 -0.19
C GLN B 384 1.55 -4.97 -1.13
N LEU B 385 2.74 -4.88 -1.72
CA LEU B 385 3.10 -3.78 -2.62
C LEU B 385 2.05 -3.53 -3.71
N GLU B 386 1.12 -2.62 -3.45
CA GLU B 386 0.05 -2.33 -4.42
C GLU B 386 0.68 -1.86 -5.72
N GLY B 387 0.77 -2.77 -6.68
CA GLY B 387 1.58 -2.54 -7.88
C GLY B 387 0.93 -1.62 -8.88
N LEU B 388 1.66 -1.30 -9.95
CA LEU B 388 1.07 -0.66 -11.10
C LEU B 388 -0.15 -1.44 -11.55
N GLU B 389 0.07 -2.72 -11.84
CA GLU B 389 -0.95 -3.57 -12.46
C GLU B 389 -2.25 -3.66 -11.66
N GLU B 390 -2.16 -3.76 -10.34
CA GLU B 390 -3.34 -3.85 -9.50
C GLU B 390 -4.02 -2.49 -9.36
N LEU B 391 -3.26 -1.41 -9.63
CA LEU B 391 -3.79 -0.05 -9.51
C LEU B 391 -4.48 0.40 -10.78
N ARG B 392 -3.91 0.01 -11.92
CA ARG B 392 -4.59 0.11 -13.19
C ARG B 392 -6.01 -0.48 -13.11
N GLU B 393 -6.14 -1.63 -12.44
CA GLU B 393 -7.39 -2.37 -12.41
C GLU B 393 -8.46 -1.57 -11.69
N GLN B 394 -8.03 -0.67 -10.82
CA GLN B 394 -8.94 0.09 -9.99
C GLN B 394 -9.02 1.54 -10.44
N THR B 395 -8.50 1.82 -11.61
CA THR B 395 -8.49 3.18 -12.10
C THR B 395 -9.24 3.35 -13.41
N VAL B 396 -10.35 4.06 -13.34
CA VAL B 396 -11.04 4.56 -14.55
C VAL B 396 -10.60 5.99 -14.89
N VAL B 397 -10.33 6.21 -16.17
CA VAL B 397 -9.59 7.38 -16.62
C VAL B 397 -10.37 8.12 -17.72
N VAL B 398 -11.06 9.20 -17.32
CA VAL B 398 -12.01 9.91 -18.19
C VAL B 398 -11.30 10.69 -19.32
N PRO B 399 -11.87 10.67 -20.57
CA PRO B 399 -11.22 11.28 -21.72
C PRO B 399 -11.64 12.75 -21.93
N THR B 418 -12.66 28.40 -20.50
CA THR B 418 -13.84 28.80 -21.27
C THR B 418 -14.67 27.56 -21.64
N MSE B 419 -15.51 27.12 -20.70
CA MSE B 419 -16.36 25.94 -20.91
C MSE B 419 -17.83 26.30 -20.93
O MSE B 419 -18.32 26.99 -20.03
CB MSE B 419 -16.13 24.86 -19.83
CG MSE B 419 -16.83 23.56 -20.20
SE MSE B 419 -16.36 22.09 -18.96
CE MSE B 419 -14.41 22.11 -19.26
N PRO B 420 -18.55 25.85 -21.99
CA PRO B 420 -20.00 26.02 -22.08
C PRO B 420 -20.71 25.18 -21.01
N ASP B 421 -22.04 25.12 -21.11
CA ASP B 421 -22.83 24.39 -20.11
C ASP B 421 -23.40 23.06 -20.63
N GLU B 422 -23.33 22.86 -21.94
CA GLU B 422 -23.81 21.61 -22.54
C GLU B 422 -22.70 20.58 -22.78
N ILE B 423 -21.49 21.04 -23.07
CA ILE B 423 -20.32 20.14 -23.17
C ILE B 423 -19.98 19.57 -21.80
N LYS B 424 -20.22 20.35 -20.76
CA LYS B 424 -20.05 19.89 -19.37
C LYS B 424 -21.04 18.77 -19.03
N ALA B 425 -22.26 18.85 -19.58
CA ALA B 425 -23.22 17.76 -19.49
C ALA B 425 -22.68 16.48 -20.16
N HIS B 426 -22.34 16.59 -21.45
CA HIS B 426 -21.65 15.51 -22.19
C HIS B 426 -20.66 14.78 -21.32
N LEU B 427 -19.84 15.54 -20.62
CA LEU B 427 -18.82 14.99 -19.74
C LEU B 427 -19.41 14.31 -18.51
N GLN B 428 -20.53 14.83 -18.02
CA GLN B 428 -21.24 14.17 -16.92
C GLN B 428 -22.04 12.95 -17.42
N GLU B 429 -21.98 12.68 -18.72
CA GLU B 429 -22.59 11.46 -19.31
C GLU B 429 -21.54 10.39 -19.67
N ARG B 430 -20.48 10.80 -20.34
CA ARG B 430 -19.33 9.93 -20.61
C ARG B 430 -18.83 9.26 -19.32
N LEU B 431 -18.69 10.05 -18.26
CA LEU B 431 -18.26 9.56 -16.96
C LEU B 431 -19.29 8.65 -16.33
N GLN B 432 -20.49 9.17 -16.16
CA GLN B 432 -21.61 8.34 -15.73
C GLN B 432 -21.46 6.94 -16.31
N GLU B 433 -21.26 6.85 -17.64
CA GLU B 433 -21.36 5.57 -18.36
C GLU B 433 -20.16 4.65 -18.17
N ARG B 434 -18.94 5.20 -18.19
CA ARG B 434 -17.75 4.39 -17.89
C ARG B 434 -17.73 3.89 -16.43
N VAL B 435 -17.98 4.82 -15.51
CA VAL B 435 -18.09 4.51 -14.08
C VAL B 435 -19.33 3.66 -13.82
N GLY B 436 -20.04 3.31 -14.90
CA GLY B 436 -21.18 2.43 -14.82
C GLY B 436 -20.80 1.02 -15.23
N GLU B 437 -20.14 0.90 -16.38
CA GLU B 437 -19.61 -0.40 -16.85
C GLU B 437 -18.60 -0.99 -15.85
N HIS B 438 -17.67 -0.14 -15.38
CA HIS B 438 -16.72 -0.54 -14.35
C HIS B 438 -17.39 -1.23 -13.23
N LEU B 439 -18.33 -0.55 -12.58
CA LEU B 439 -18.90 -1.02 -11.34
C LEU B 439 -19.60 -2.38 -11.42
N GLU B 440 -20.15 -2.70 -12.59
CA GLU B 440 -20.76 -4.01 -12.82
C GLU B 440 -19.71 -5.05 -13.17
N LYS B 441 -18.73 -4.63 -13.97
CA LYS B 441 -17.59 -5.49 -14.29
C LYS B 441 -16.84 -5.87 -13.02
N ARG B 442 -16.39 -4.86 -12.27
CA ARG B 442 -15.68 -5.10 -11.03
C ARG B 442 -16.44 -6.11 -10.17
N LEU B 443 -17.75 -6.18 -10.38
CA LEU B 443 -18.59 -7.13 -9.68
C LEU B 443 -18.44 -8.57 -10.19
N GLN B 444 -17.82 -8.76 -11.36
CA GLN B 444 -17.65 -10.10 -11.93
C GLN B 444 -16.20 -10.55 -11.95
N ALA B 445 -15.34 -9.79 -11.28
CA ALA B 445 -13.93 -10.14 -11.20
C ALA B 445 -13.57 -10.60 -9.79
N SER B 446 -12.38 -11.16 -9.64
CA SER B 446 -12.05 -11.88 -8.44
C SER B 446 -10.64 -11.55 -7.89
N GLU B 447 -10.29 -12.22 -6.79
CA GLU B 447 -8.95 -12.24 -6.23
C GLU B 447 -8.61 -13.70 -6.01
N ARG B 448 -7.37 -14.06 -6.33
CA ARG B 448 -6.85 -15.39 -6.07
C ARG B 448 -5.70 -15.31 -5.08
N HIS B 449 -5.68 -16.20 -4.09
CA HIS B 449 -4.57 -16.30 -3.16
C HIS B 449 -4.24 -17.72 -2.95
N THR B 450 -2.96 -18.03 -2.96
CA THR B 450 -2.54 -19.40 -2.94
C THR B 450 -1.85 -19.60 -1.63
N PHE B 451 -2.18 -20.68 -0.95
CA PHE B 451 -1.52 -20.96 0.33
C PHE B 451 -0.92 -22.34 0.33
N ALA B 452 -0.16 -22.65 1.37
CA ALA B 452 0.58 -23.88 1.39
C ALA B 452 -0.16 -24.93 2.18
N SER B 453 -1.27 -24.52 2.83
CA SER B 453 -2.09 -25.44 3.60
C SER B 453 -3.47 -24.86 3.79
N LEU B 454 -4.45 -25.74 4.09
CA LEU B 454 -5.81 -25.30 4.34
C LEU B 454 -5.80 -24.26 5.42
N ASP B 455 -5.32 -24.64 6.61
CA ASP B 455 -5.31 -23.75 7.77
C ASP B 455 -4.72 -22.38 7.54
N GLU B 456 -3.67 -22.30 6.72
CA GLU B 456 -3.18 -20.98 6.33
C GLU B 456 -4.28 -20.14 5.68
N ALA B 457 -5.09 -20.74 4.79
CA ALA B 457 -6.08 -19.96 4.05
C ALA B 457 -7.32 -19.64 4.91
N LEU B 458 -7.63 -20.51 5.84
CA LEU B 458 -8.65 -20.20 6.84
C LEU B 458 -8.13 -19.13 7.80
N LEU B 459 -6.82 -19.06 7.97
CA LEU B 459 -6.30 -17.94 8.78
C LEU B 459 -6.46 -16.59 8.10
N ALA B 460 -6.39 -16.58 6.78
CA ALA B 460 -6.51 -15.34 6.02
C ALA B 460 -7.90 -14.78 6.05
N LEU B 461 -8.89 -15.52 6.56
CA LEU B 461 -10.24 -15.01 6.53
C LEU B 461 -10.62 -14.39 7.84
N ASP B 462 -11.30 -13.24 7.80
CA ASP B 462 -11.87 -12.64 9.01
C ASP B 462 -13.02 -13.51 9.55
N ASP B 463 -13.50 -13.21 10.76
CA ASP B 463 -14.39 -14.13 11.47
C ASP B 463 -15.69 -14.35 10.70
N SER B 464 -16.20 -13.28 10.10
CA SER B 464 -17.34 -13.38 9.21
C SER B 464 -17.13 -14.43 8.15
N MSE B 465 -16.04 -14.29 7.41
CA MSE B 465 -15.79 -15.10 6.22
C MSE B 465 -15.66 -16.51 6.67
O MSE B 465 -16.38 -17.40 6.22
CB MSE B 465 -14.52 -14.66 5.52
CG MSE B 465 -14.69 -13.23 5.00
SE MSE B 465 -13.07 -12.61 4.03
CE MSE B 465 -11.76 -12.31 5.49
N LEU B 466 -14.78 -16.71 7.64
CA LEU B 466 -14.74 -18.00 8.33
C LEU B 466 -16.12 -18.55 8.62
N THR B 467 -16.97 -17.76 9.29
CA THR B 467 -18.29 -18.23 9.65
C THR B 467 -19.09 -18.64 8.41
N SER B 468 -18.86 -17.99 7.27
CA SER B 468 -19.60 -18.34 6.06
C SER B 468 -19.15 -19.69 5.56
N VAL B 469 -17.85 -19.89 5.48
CA VAL B 469 -17.39 -21.15 4.98
C VAL B 469 -17.92 -22.25 5.91
N ALA B 470 -17.91 -21.95 7.20
CA ALA B 470 -18.39 -22.88 8.22
C ALA B 470 -19.84 -23.32 8.01
N GLN B 471 -20.75 -22.36 7.78
CA GLN B 471 -22.17 -22.65 7.45
C GLN B 471 -22.27 -23.69 6.34
N GLN B 472 -21.44 -23.50 5.31
CA GLN B 472 -21.58 -24.22 4.07
C GLN B 472 -20.92 -25.59 4.19
N ASN B 473 -19.70 -25.62 4.70
CA ASN B 473 -18.98 -26.86 4.83
C ASN B 473 -18.31 -27.00 6.17
N PRO B 474 -19.06 -27.38 7.19
CA PRO B 474 -18.52 -27.36 8.55
C PRO B 474 -17.41 -28.39 8.80
N GLU B 475 -17.26 -29.36 7.92
CA GLU B 475 -16.29 -30.43 8.13
C GLU B 475 -14.90 -29.88 7.95
N ILE B 476 -14.80 -28.88 7.10
CA ILE B 476 -13.56 -28.22 6.71
C ILE B 476 -13.01 -27.31 7.81
N THR B 477 -13.90 -26.67 8.54
CA THR B 477 -13.51 -25.53 9.31
C THR B 477 -13.55 -25.75 10.80
N ASP B 478 -14.20 -26.82 11.23
CA ASP B 478 -14.40 -27.00 12.68
C ASP B 478 -13.12 -26.68 13.48
N GLY B 479 -11.97 -27.18 13.03
CA GLY B 479 -10.68 -26.88 13.65
C GLY B 479 -10.37 -25.40 13.69
N ALA B 480 -10.46 -24.74 12.54
CA ALA B 480 -10.28 -23.31 12.45
C ALA B 480 -11.28 -22.54 13.34
N VAL B 481 -12.56 -22.95 13.38
CA VAL B 481 -13.52 -22.22 14.24
C VAL B 481 -13.21 -22.45 15.72
N ALA B 482 -12.85 -23.69 16.05
CA ALA B 482 -12.35 -24.03 17.37
C ALA B 482 -11.19 -23.08 17.81
N PHE B 483 -10.12 -23.07 17.03
CA PHE B 483 -9.03 -22.12 17.23
C PHE B 483 -9.50 -20.67 17.31
N ARG B 484 -10.31 -20.20 16.36
CA ARG B 484 -10.74 -18.81 16.43
C ARG B 484 -11.51 -18.50 17.70
N GLN B 485 -12.41 -19.40 18.08
CA GLN B 485 -13.16 -19.18 19.26
C GLN B 485 -12.22 -19.00 20.46
N LYS B 486 -11.29 -19.94 20.64
CA LYS B 486 -10.38 -19.89 21.80
C LYS B 486 -9.46 -18.63 21.81
N ALA B 487 -8.94 -18.25 20.65
CA ALA B 487 -8.26 -17.00 20.54
C ALA B 487 -9.12 -15.83 20.91
N ARG B 488 -10.31 -15.73 20.34
CA ARG B 488 -11.11 -14.56 20.72
C ARG B 488 -11.43 -14.52 22.21
N ASP B 489 -11.51 -15.69 22.83
CA ASP B 489 -11.75 -15.76 24.26
C ASP B 489 -10.56 -15.30 25.05
N ALA B 490 -9.39 -15.83 24.68
CA ALA B 490 -8.13 -15.55 25.37
C ALA B 490 -7.73 -14.10 25.26
N PHE B 491 -8.13 -13.46 24.17
CA PHE B 491 -7.83 -12.07 23.93
C PHE B 491 -8.69 -11.16 24.77
N THR B 492 -9.93 -11.56 25.02
CA THR B 492 -10.73 -10.80 25.99
C THR B 492 -10.19 -11.00 27.39
N GLU B 493 -9.82 -12.25 27.67
CA GLU B 493 -9.42 -12.67 29.02
C GLU B 493 -8.16 -11.87 29.41
N LEU B 494 -7.27 -11.71 28.42
CA LEU B 494 -6.08 -10.90 28.55
C LEU B 494 -6.39 -9.43 28.73
N THR B 495 -7.48 -8.95 28.15
CA THR B 495 -7.83 -7.53 28.22
C THR B 495 -8.40 -7.17 29.58
N VAL B 496 -9.18 -8.09 30.15
CA VAL B 496 -9.68 -7.96 31.51
C VAL B 496 -8.52 -7.84 32.48
N ALA B 497 -7.46 -8.58 32.23
CA ALA B 497 -6.27 -8.52 33.04
C ALA B 497 -5.57 -7.14 32.97
N ILE B 498 -5.13 -6.77 31.78
CA ILE B 498 -4.56 -5.47 31.55
C ILE B 498 -5.37 -4.39 32.26
N VAL B 499 -6.70 -4.37 32.08
CA VAL B 499 -7.53 -3.27 32.64
C VAL B 499 -7.57 -3.28 34.16
N SER B 500 -7.87 -4.43 34.75
CA SER B 500 -7.96 -4.56 36.21
C SER B 500 -6.63 -4.31 36.92
N ALA B 501 -5.54 -4.41 36.16
CA ALA B 501 -4.20 -4.09 36.67
C ALA B 501 -3.95 -2.57 36.81
N ASN B 502 -4.46 -1.80 35.86
CA ASN B 502 -4.55 -0.37 36.00
C ASN B 502 -5.31 0.00 37.26
N GLY B 503 -6.25 -0.86 37.67
CA GLY B 503 -6.83 -0.77 39.01
C GLY B 503 -5.82 -0.27 40.05
N LEU B 504 -4.61 -0.82 40.00
CA LEU B 504 -3.47 -0.30 40.76
C LEU B 504 -2.64 0.65 39.89
N LEU B 508 1.92 -2.50 33.83
CA LEU B 508 3.36 -2.50 34.10
C LEU B 508 3.87 -3.89 34.44
N LYS B 509 3.62 -4.28 35.69
CA LYS B 509 3.97 -5.60 36.20
C LYS B 509 2.95 -6.59 35.70
N LEU B 510 3.43 -7.53 34.89
CA LEU B 510 2.67 -8.72 34.54
C LEU B 510 2.35 -9.57 35.78
N ASP B 511 1.21 -9.28 36.41
CA ASP B 511 0.48 -10.17 37.31
C ASP B 511 0.20 -11.57 36.73
N GLU B 512 -0.25 -12.45 37.60
CA GLU B 512 -0.59 -13.80 37.21
C GLU B 512 -1.69 -13.91 36.11
N ALA B 513 -2.74 -13.11 36.23
CA ALA B 513 -3.88 -13.17 35.29
C ALA B 513 -3.44 -12.95 33.85
N MSE B 514 -2.54 -12.01 33.60
CA MSE B 514 -2.00 -11.86 32.25
C MSE B 514 -1.20 -13.08 31.88
O MSE B 514 -1.31 -13.62 30.75
CB MSE B 514 -1.16 -10.62 32.12
CG MSE B 514 -1.93 -9.42 32.64
SE MSE B 514 -0.99 -7.73 32.20
CE MSE B 514 -0.39 -7.26 34.01
N ARG B 515 -0.39 -13.57 32.82
CA ARG B 515 0.41 -14.73 32.53
C ARG B 515 -0.48 -15.88 32.08
N SER B 516 -1.63 -16.02 32.73
CA SER B 516 -2.52 -17.13 32.47
C SER B 516 -3.10 -17.05 31.10
N ALA B 517 -3.42 -15.82 30.68
CA ALA B 517 -4.00 -15.63 29.36
C ALA B 517 -2.92 -15.76 28.34
N LEU B 518 -1.73 -15.23 28.63
CA LEU B 518 -0.62 -15.43 27.69
C LEU B 518 -0.29 -16.91 27.56
N GLN B 519 -0.50 -17.66 28.64
CA GLN B 519 -0.40 -19.13 28.58
C GLN B 519 -1.44 -19.78 27.69
N ARG B 520 -2.61 -19.17 27.60
CA ARG B 520 -3.68 -19.77 26.87
C ARG B 520 -3.46 -19.53 25.41
N LEU B 521 -2.90 -18.36 25.13
CA LEU B 521 -2.54 -17.99 23.77
C LEU B 521 -1.36 -18.81 23.32
N ASP B 522 -0.33 -18.93 24.18
CA ASP B 522 0.83 -19.72 23.81
C ASP B 522 0.42 -21.13 23.41
N ALA B 523 -0.65 -21.65 24.01
CA ALA B 523 -1.05 -23.02 23.73
C ALA B 523 -1.66 -23.14 22.34
N LEU B 524 -2.34 -22.11 21.90
CA LEU B 524 -2.93 -22.12 20.56
C LEU B 524 -1.89 -22.02 19.40
N ALA B 525 -0.68 -21.57 19.69
CA ALA B 525 0.31 -21.34 18.62
C ALA B 525 1.13 -22.58 18.31
N ASP B 526 0.45 -23.62 17.86
CA ASP B 526 1.11 -24.91 17.69
C ASP B 526 1.65 -25.08 16.27
N THR B 527 1.55 -24.05 15.45
CA THR B 527 2.27 -24.02 14.17
C THR B 527 2.82 -22.62 13.84
N PRO B 528 3.85 -22.54 13.01
CA PRO B 528 4.46 -21.22 12.82
C PRO B 528 3.45 -20.23 12.23
N GLU B 529 2.49 -20.74 11.46
CA GLU B 529 1.47 -19.92 10.82
C GLU B 529 0.56 -19.24 11.81
N ARG B 530 0.19 -19.97 12.87
CA ARG B 530 -0.77 -19.48 13.86
C ARG B 530 -0.14 -18.52 14.87
N LEU B 531 1.09 -18.79 15.26
CA LEU B 531 1.91 -17.87 16.03
C LEU B 531 2.03 -16.52 15.31
N ALA B 532 2.29 -16.53 14.00
CA ALA B 532 2.30 -15.29 13.25
C ALA B 532 0.94 -14.59 13.37
N TRP B 533 -0.15 -15.36 13.31
CA TRP B 533 -1.49 -14.76 13.28
C TRP B 533 -1.78 -14.15 14.64
N LEU B 534 -1.39 -14.89 15.67
CA LEU B 534 -1.62 -14.46 17.04
C LEU B 534 -0.82 -13.21 17.39
N ALA B 535 0.42 -13.13 16.93
CA ALA B 535 1.16 -11.90 17.10
C ALA B 535 0.48 -10.68 16.39
N ALA B 536 0.19 -10.81 15.10
CA ALA B 536 -0.46 -9.73 14.37
C ALA B 536 -1.75 -9.28 15.07
N GLU B 537 -2.55 -10.24 15.56
CA GLU B 537 -3.81 -9.89 16.25
C GLU B 537 -3.53 -9.03 17.44
N LEU B 538 -2.42 -9.27 18.08
CA LEU B 538 -2.13 -8.53 19.27
C LEU B 538 -1.48 -7.18 18.95
N ASN B 539 -1.43 -6.82 17.66
CA ASN B 539 -0.76 -5.58 17.25
C ASN B 539 -1.69 -4.52 16.71
N HIS B 540 -2.94 -4.87 16.47
CA HIS B 540 -3.94 -3.87 16.13
C HIS B 540 -3.73 -2.56 16.81
N ALA B 541 -3.26 -1.57 16.06
CA ALA B 541 -3.03 -0.24 16.63
C ALA B 541 -4.29 0.28 17.34
N ASP B 542 -5.44 -0.05 16.76
CA ASP B 542 -6.74 0.40 17.25
C ASP B 542 -7.04 -0.07 18.68
N ASN B 543 -6.41 -1.17 19.10
CA ASN B 543 -6.70 -1.81 20.38
C ASN B 543 -5.86 -1.25 21.55
N VAL B 544 -6.28 -0.13 22.12
CA VAL B 544 -5.53 0.58 23.19
C VAL B 544 -4.90 -0.28 24.31
N ASP B 545 -5.55 -1.38 24.68
CA ASP B 545 -5.14 -2.14 25.86
C ASP B 545 -4.03 -3.10 25.56
N HIS B 546 -4.13 -3.76 24.43
CA HIS B 546 -3.05 -4.55 23.97
C HIS B 546 -1.85 -3.68 23.75
N GLN B 547 -2.00 -2.59 22.98
CA GLN B 547 -0.87 -1.65 22.78
C GLN B 547 -0.30 -1.21 24.14
N GLN B 548 -1.13 -1.20 25.16
CA GLN B 548 -0.67 -0.68 26.44
C GLN B 548 0.41 -1.63 26.89
N LEU B 549 0.18 -2.92 26.65
CA LEU B 549 1.05 -3.95 27.16
C LEU B 549 2.31 -4.09 26.32
N LEU B 550 2.18 -4.01 25.00
CA LEU B 550 3.35 -4.08 24.13
C LEU B 550 4.28 -2.91 24.39
N ASP B 551 3.72 -1.73 24.62
CA ASP B 551 4.55 -0.57 24.89
C ASP B 551 5.36 -0.79 26.14
N ALA B 552 4.81 -1.58 27.06
CA ALA B 552 5.42 -1.77 28.38
C ALA B 552 6.52 -2.84 28.37
N MSE B 553 6.25 -3.95 27.70
CA MSE B 553 7.24 -4.97 27.55
C MSE B 553 8.22 -4.65 26.42
O MSE B 553 9.04 -5.49 26.07
CB MSE B 553 6.45 -6.24 27.32
CG MSE B 553 5.58 -6.53 28.54
SE MSE B 553 6.63 -6.98 30.19
CE MSE B 553 6.41 -5.32 31.25
N ARG B 554 8.18 -3.44 25.88
CA ARG B 554 9.12 -3.04 24.84
C ARG B 554 10.57 -3.26 25.29
N GLY B 555 11.33 -4.01 24.50
CA GLY B 555 12.73 -4.26 24.79
C GLY B 555 13.00 -5.38 25.76
N GLN B 556 11.93 -5.97 26.30
CA GLN B 556 12.06 -6.97 27.38
C GLN B 556 12.09 -8.41 26.87
N THR B 557 12.73 -9.30 27.63
CA THR B 557 12.68 -10.73 27.32
C THR B 557 11.61 -11.43 28.11
N VAL B 558 10.66 -12.05 27.40
CA VAL B 558 9.46 -12.59 28.06
C VAL B 558 9.25 -14.08 27.89
N GLN B 559 8.87 -14.73 28.99
CA GLN B 559 8.50 -16.16 29.06
C GLN B 559 7.60 -16.60 27.89
N SER B 560 6.54 -15.85 27.63
CA SER B 560 5.59 -16.23 26.59
C SER B 560 6.09 -16.03 25.16
N PRO B 561 6.16 -17.12 24.37
CA PRO B 561 6.38 -17.06 22.92
C PRO B 561 5.49 -16.10 22.14
N VAL B 562 4.22 -15.93 22.54
CA VAL B 562 3.29 -15.18 21.69
C VAL B 562 3.61 -13.73 21.88
N LEU B 563 3.77 -13.38 23.13
CA LEU B 563 4.22 -12.08 23.47
C LEU B 563 5.60 -11.79 22.87
N ALA B 564 6.51 -12.76 22.87
CA ALA B 564 7.79 -12.55 22.21
C ALA B 564 7.61 -12.26 20.73
N ALA B 565 6.78 -13.03 20.04
CA ALA B 565 6.47 -12.68 18.65
C ALA B 565 5.90 -11.26 18.49
N ALA B 566 4.81 -10.98 19.21
CA ALA B 566 4.10 -9.73 19.14
C ALA B 566 5.06 -8.53 19.33
N LEU B 567 5.96 -8.66 20.29
CA LEU B 567 6.86 -7.61 20.56
C LEU B 567 7.78 -7.45 19.33
N ALA B 568 8.26 -8.54 18.75
CA ALA B 568 9.18 -8.42 17.62
C ALA B 568 8.44 -7.76 16.47
N GLU B 569 7.22 -8.23 16.25
CA GLU B 569 6.38 -7.68 15.22
C GLU B 569 6.20 -6.18 15.41
N ALA B 570 5.97 -5.77 16.65
CA ALA B 570 5.85 -4.35 16.94
C ALA B 570 7.05 -3.54 16.47
N GLN B 571 8.27 -4.01 16.76
CA GLN B 571 9.45 -3.26 16.42
C GLN B 571 9.66 -3.20 14.92
N ARG B 572 9.29 -4.27 14.24
CA ARG B 572 9.33 -4.27 12.79
CA ARG B 572 9.38 -4.24 12.80
C ARG B 572 8.50 -3.12 12.26
N ARG B 573 7.24 -3.04 12.69
CA ARG B 573 6.36 -1.90 12.33
C ARG B 573 6.97 -0.55 12.71
N LYS B 574 7.43 -0.39 13.95
CA LYS B 574 8.02 0.88 14.32
C LYS B 574 8.97 1.23 13.21
N VAL B 575 9.83 0.28 12.86
CA VAL B 575 10.90 0.52 11.88
C VAL B 575 10.35 0.86 10.50
N ALA B 576 9.23 0.28 10.13
CA ALA B 576 8.67 0.53 8.82
C ALA B 576 8.14 1.95 8.71
N VAL B 577 7.49 2.47 9.75
CA VAL B 577 6.99 3.86 9.63
C VAL B 577 8.16 4.83 9.54
N ILE B 578 9.20 4.64 10.35
CA ILE B 578 10.41 5.46 10.22
C ILE B 578 10.85 5.43 8.76
N ALA B 579 11.04 4.24 8.19
CA ALA B 579 11.48 4.16 6.80
C ALA B 579 10.55 4.93 5.88
N GLU B 580 9.25 4.73 6.05
CA GLU B 580 8.28 5.38 5.19
C GLU B 580 8.41 6.88 5.30
N ASN B 581 8.67 7.36 6.51
CA ASN B 581 8.85 8.79 6.74
C ASN B 581 10.06 9.34 6.00
N ILE B 582 11.15 8.62 6.06
CA ILE B 582 12.30 8.98 5.31
C ILE B 582 12.06 8.92 3.80
N ARG B 583 11.35 7.89 3.33
CA ARG B 583 11.14 7.87 1.89
C ARG B 583 10.46 9.18 1.51
N LYS B 584 9.43 9.55 2.26
CA LYS B 584 8.64 10.70 1.92
C LYS B 584 9.40 11.98 2.01
N GLU B 585 10.45 12.06 2.82
CA GLU B 585 11.07 13.36 3.01
C GLU B 585 12.54 13.54 2.67
N VAL B 586 13.24 12.47 2.43
CA VAL B 586 14.61 12.60 1.95
C VAL B 586 14.68 12.21 0.47
N ILE B 587 14.05 11.08 0.13
CA ILE B 587 14.05 10.55 -1.22
C ILE B 587 13.06 11.31 -2.12
N PHE B 588 11.78 11.33 -1.76
CA PHE B 588 10.74 11.75 -2.67
C PHE B 588 11.07 13.09 -3.29
N PRO B 589 11.51 14.05 -2.47
CA PRO B 589 11.91 15.33 -2.99
C PRO B 589 13.08 15.29 -3.98
N SER B 590 14.12 14.51 -3.69
CA SER B 590 15.24 14.47 -4.64
C SER B 590 14.87 13.76 -5.92
N LEU B 591 14.32 12.55 -5.75
CA LEU B 591 13.89 11.68 -6.83
C LEU B 591 13.18 12.43 -7.92
N TYR B 592 12.20 13.26 -7.54
CA TYR B 592 11.51 14.10 -8.50
C TYR B 592 11.97 15.54 -8.50
N ARG B 593 13.27 15.77 -8.33
CA ARG B 593 13.80 17.06 -8.73
C ARG B 593 14.01 17.04 -10.24
N PRO B 594 13.43 18.02 -10.96
CA PRO B 594 13.51 18.14 -12.42
C PRO B 594 14.90 18.03 -13.04
N GLY B 595 15.92 18.65 -12.45
CA GLY B 595 17.28 18.61 -13.01
C GLY B 595 18.02 17.28 -12.88
N GLN B 596 17.44 16.36 -12.10
CA GLN B 596 18.11 15.17 -11.58
C GLN B 596 18.75 14.26 -12.63
N PRO B 597 20.09 14.19 -12.66
CA PRO B 597 20.76 13.27 -13.60
C PRO B 597 20.47 11.82 -13.25
N ASP B 598 20.38 10.96 -14.26
CA ASP B 598 19.90 9.60 -14.08
C ASP B 598 20.74 8.83 -13.06
N SER B 599 22.05 9.07 -13.09
CA SER B 599 22.96 8.56 -12.07
C SER B 599 22.41 8.80 -10.67
N ASN B 600 22.14 10.06 -10.35
CA ASN B 600 21.50 10.36 -9.08
C ASN B 600 20.21 9.64 -8.86
N VAL B 601 19.34 9.58 -9.86
CA VAL B 601 18.08 8.84 -9.70
C VAL B 601 18.28 7.36 -9.37
N ALA B 602 19.31 6.76 -9.94
CA ALA B 602 19.57 5.35 -9.74
C ALA B 602 19.88 5.12 -8.27
N LEU B 603 20.64 6.04 -7.69
CA LEU B 603 21.09 5.90 -6.32
C LEU B 603 19.91 5.89 -5.37
N LEU B 604 18.95 6.76 -5.65
CA LEU B 604 17.86 6.92 -4.71
C LEU B 604 16.81 5.86 -4.92
N ARG B 605 16.62 5.45 -6.17
CA ARG B 605 15.68 4.39 -6.46
C ARG B 605 16.18 3.14 -5.71
N ARG B 606 17.46 3.17 -5.34
CA ARG B 606 18.06 2.06 -4.65
C ARG B 606 17.91 2.24 -3.15
N ALA B 607 18.01 3.48 -2.69
CA ALA B 607 17.83 3.76 -1.28
C ALA B 607 16.40 3.40 -0.92
N GLU B 608 15.47 3.61 -1.84
CA GLU B 608 14.08 3.28 -1.62
C GLU B 608 13.96 1.79 -1.37
N GLU B 609 14.74 1.01 -2.11
CA GLU B 609 14.68 -0.45 -2.08
C GLU B 609 15.17 -0.92 -0.73
N GLN B 610 16.33 -0.36 -0.32
CA GLN B 610 16.90 -0.61 1.00
C GLN B 610 15.90 -0.36 2.12
N LEU B 611 15.29 0.81 2.07
CA LEU B 611 14.30 1.25 3.02
C LEU B 611 13.09 0.35 3.02
N ARG B 612 12.53 0.04 1.85
CA ARG B 612 11.39 -0.91 1.79
C ARG B 612 11.64 -2.17 2.59
N HIS B 613 12.85 -2.71 2.55
CA HIS B 613 13.12 -4.00 3.15
C HIS B 613 13.78 -3.92 4.50
N ALA B 614 13.99 -2.70 4.98
CA ALA B 614 14.59 -2.46 6.28
C ALA B 614 13.78 -3.05 7.44
N THR B 615 14.46 -3.88 8.23
CA THR B 615 13.84 -4.56 9.37
C THR B 615 14.40 -4.09 10.70
N SER B 616 15.54 -3.42 10.66
CA SER B 616 16.16 -2.91 11.87
C SER B 616 16.71 -1.51 11.69
N PRO B 617 16.74 -0.75 12.77
CA PRO B 617 17.35 0.59 12.72
C PRO B 617 18.71 0.59 12.04
N ALA B 618 19.50 -0.47 12.20
CA ALA B 618 20.89 -0.49 11.68
C ALA B 618 20.88 -0.48 10.18
N GLU B 619 19.95 -1.25 9.61
CA GLU B 619 19.74 -1.26 8.17
C GLU B 619 19.25 0.08 7.69
N ILE B 620 18.47 0.78 8.49
CA ILE B 620 18.03 2.10 8.11
C ILE B 620 19.17 3.07 8.08
N ASN B 621 20.07 2.94 9.04
CA ASN B 621 21.25 3.78 9.03
C ASN B 621 22.01 3.60 7.73
N GLN B 622 22.10 2.36 7.26
CA GLN B 622 22.97 2.05 6.12
C GLN B 622 22.40 2.63 4.87
N ALA B 623 21.08 2.72 4.83
CA ALA B 623 20.40 3.30 3.69
C ALA B 623 20.95 4.69 3.51
N LEU B 624 20.82 5.48 4.55
CA LEU B 624 21.22 6.87 4.57
C LEU B 624 22.71 7.05 4.29
N ASN B 625 23.53 6.17 4.83
CA ASN B 625 24.95 6.33 4.55
C ASN B 625 25.24 6.14 3.08
N ASP B 626 24.54 5.16 2.46
CA ASP B 626 24.77 4.92 1.02
C ASP B 626 24.61 6.24 0.24
N ILE B 627 23.55 6.97 0.60
CA ILE B 627 23.32 8.33 0.15
C ILE B 627 24.38 9.38 0.51
N VAL B 628 24.73 9.53 1.79
CA VAL B 628 25.80 10.44 2.12
C VAL B 628 27.05 10.14 1.29
N ASP B 629 27.39 8.86 1.13
CA ASP B 629 28.71 8.51 0.61
C ASP B 629 28.81 8.66 -0.90
N ASN B 630 27.66 8.78 -1.56
CA ASN B 630 27.59 8.52 -3.01
C ASN B 630 26.73 9.46 -3.84
N TYR B 631 26.24 10.52 -3.23
CA TYR B 631 25.37 11.47 -3.90
C TYR B 631 26.24 12.59 -4.33
N SER B 632 26.23 12.89 -5.63
CA SER B 632 27.00 14.02 -6.18
C SER B 632 26.11 15.26 -6.30
N ALA B 633 26.42 16.30 -5.53
CA ALA B 633 25.81 17.63 -5.71
C ALA B 633 26.14 18.19 -7.09
N ARG B 634 25.53 17.59 -8.12
CA ARG B 634 25.93 17.81 -9.51
C ARG B 634 24.91 18.67 -10.29
N SER B 645 23.84 19.95 -1.85
CA SER B 645 24.20 19.61 -0.47
C SER B 645 23.01 19.03 0.33
N THR B 646 21.81 19.52 0.04
CA THR B 646 20.69 19.52 0.98
C THR B 646 20.12 18.14 1.33
N THR B 647 19.86 17.34 0.31
CA THR B 647 19.47 15.96 0.49
C THR B 647 20.40 15.27 1.47
N VAL B 648 21.70 15.38 1.24
CA VAL B 648 22.75 14.90 2.15
C VAL B 648 22.64 15.42 3.60
N GLU B 649 22.52 16.74 3.79
CA GLU B 649 22.18 17.27 5.12
C GLU B 649 20.96 16.54 5.68
N MSE B 650 19.82 16.73 5.01
CA MSE B 650 18.57 16.05 5.34
C MSE B 650 18.81 14.63 5.84
O MSE B 650 18.34 14.23 6.92
CB MSE B 650 17.66 16.10 4.11
CG MSE B 650 16.46 17.04 4.23
SE MSE B 650 15.62 16.71 5.99
CE MSE B 650 16.12 18.44 6.86
N ALA B 651 19.56 13.85 5.07
CA ALA B 651 19.86 12.48 5.49
C ALA B 651 20.69 12.48 6.78
N LYS B 652 21.78 13.23 6.81
CA LYS B 652 22.59 13.29 8.02
C LYS B 652 21.68 13.50 9.24
N ALA B 653 20.72 14.39 9.10
CA ALA B 653 19.83 14.71 10.20
C ALA B 653 19.03 13.49 10.68
N TRP B 654 18.56 12.68 9.73
CA TRP B 654 17.79 11.49 10.09
C TRP B 654 18.66 10.47 10.75
N ARG B 655 19.91 10.40 10.34
CA ARG B 655 20.80 9.36 10.80
C ARG B 655 21.17 9.49 12.28
N ASN B 656 21.25 10.73 12.77
CA ASN B 656 21.64 11.00 14.17
C ASN B 656 20.48 10.94 15.18
N LYS B 657 19.25 11.05 14.70
CA LYS B 657 18.09 11.09 15.59
C LYS B 657 17.49 9.71 15.83
N GLU B 658 16.93 9.52 17.04
CA GLU B 658 16.45 8.22 17.49
C GLU B 658 15.00 7.97 17.09
#